data_7Y65
#
_entry.id   7Y65
#
_cell.length_a   1.00
_cell.length_b   1.00
_cell.length_c   1.00
_cell.angle_alpha   90.00
_cell.angle_beta   90.00
_cell.angle_gamma   90.00
#
_symmetry.space_group_name_H-M   'P 1'
#
loop_
_entity.id
_entity.type
_entity.pdbx_description
1 polymer 'Guanine nucleotide-binding protein G(i) subunit alpha-1'
2 polymer 'Guanine nucleotide-binding protein G(I)/G(S)/G(T) subunit beta-1'
3 polymer 'Guanine nucleotide-binding protein G(I)/G(S)/G(O) subunit gamma-2'
4 polymer 'C5apep peptide'
5 polymer scFV16
6 polymer 'C5a anaphylatoxin chemotactic receptor 1'
#
loop_
_entity_poly.entity_id
_entity_poly.type
_entity_poly.pdbx_seq_one_letter_code
_entity_poly.pdbx_strand_id
1 'polypeptide(L)'
;MGCTLSAEDKAAVERSKMIDRNLREDGEKAAREVKLLLLGAGESGKSTIVKQMKIIHEAGYSEEECKQYKAVVYSNTIQS
IIAIIRAMGRLKIDFGDSARADDARQLFVLAGAAEEGFMTAELAGVIKRLWKDSGVQACFNRSREYQLNDSAAYYLNDLD
RIAQPNYIPTQQDVLRTRVKTTGIVETHFTFKDLHFKMFDVGGQRSERKKWIHCFEGVTAIIFCVALSDYDLVLAEDEEM
NRMHESMKLFDSICNNKWFTDTSIILFLNKKDLFEEKIKKSPLTICYPEYAGSNTYEEAAAYIQCQFEDLNKRKDTKEIY
THFTCATDTKNVQFVFDAVTDVIIKNNLKDCGLF
;
A
2 'polypeptide(L)'
;MHHHHLEVLFQGPGSSGSELDQLRQEAEQLKNQIRDARKACADATLSQITNNIDPVGRIQMRTRRTLRGHLAKIYAMHWG
TDSRLLVSASQDGKLIIWDSYTTNKVHAIPLRSSWVMTCAYAPSGNYVACGGLDNICSIYNLKTREGNVRVSRELAGHTG
YLSCCRFLDDNQIVTSSGDTTCALWDIETGQQTTTFTGHTGDVMSLSLAPDTRLFVSGACDASAKLWDVREGMCRQTFTG
HESDINAICFFPNGNAFATGSDDATCRLFDLRADQELMTYSHDNIICGITSVSFSKSGRLLLAGYDDFNCNVWDALKADR
AGVLAGHDNRVSCLGVTDDGMAVATGSWDSFLKIWN
;
B
3 'polypeptide(L)' MASNNTASIAQARKLVEQLKMEANIDRIKVSKAAADLMAYCEAHAKEDPLLTPVPASENPFREKKFFCAIL C
4 'polypeptide(L)' (MEA)KP(ZAL)(ALC)(DAR) L
5 'polypeptide(L)'
;MDVQLVESGGGLVQPGGSRKLSCSASGFAFSSFGMHWVRQAPEKGLEWVAYISSGSGTIYYADTVKGRFTISRDDPKNTL
FLQMTSLRSEDTAMYYCVRSIYYYGSSPFDFWGQGTTLTVSSGGGGSGGGGSGGGGSDIVMTQATSSVPVTPGESVSISC
RSSKSLLHSNGNTYLYWFLQRPGQSPQLLIYRMSNLASGVPDRFSGSGSGTAFTLTISRLEAEDVGVYYCMQHLEYPLTF
GAGTKLELKAAAENLYFQGHHHHHHHH
;
S
6 'polypeptide(L)'
;MDSFNYTTPDYGHYDDKDTLDLNTPVDKTSNTLRVPDILALVIFAVVFLVGVLGNALVVWVTAFEAKRTINAIWFLNLAV
ADFLSCLALPILFTSIVQHHHWPFGGAACSILPSLILLNMYASILLLATISADRFLLVFKPIWCQNFRGAGLAWIACAVA
WGLALLLTIPSFLYRVVREEYFPPKVLCGVDYSHDKRRERAVAIVRLVLGFLWPLLTLTICYTFILLRTWSRRATRSTKT
LKVVVAVVASFFIFWLPYQVTGIMMSFLEPSSPTFLLLKKLDSLCVSFAYINCCINPIIYVVAGQGFQGRLRKSLPSLLR
NVLTEESVVRHHHHHHHHH
;
D
#
# COMPACT_ATOMS: atom_id res chain seq x y z
N GLY A 2 -10.40 20.42 14.79
CA GLY A 2 -9.15 21.11 14.52
C GLY A 2 -9.17 22.57 14.95
N CYS A 3 -9.03 22.80 16.26
CA CYS A 3 -9.00 24.16 16.77
C CYS A 3 -7.78 24.92 16.27
N THR A 4 -6.62 24.26 16.24
CA THR A 4 -5.40 24.92 15.79
C THR A 4 -5.42 25.14 14.28
N LEU A 5 -6.09 24.26 13.53
CA LEU A 5 -6.14 24.38 12.08
C LEU A 5 -6.82 25.69 11.67
N SER A 6 -6.27 26.33 10.65
CA SER A 6 -6.78 27.60 10.16
C SER A 6 -7.97 27.35 9.24
N ALA A 7 -8.43 28.40 8.57
CA ALA A 7 -9.60 28.27 7.70
C ALA A 7 -9.27 27.48 6.44
N GLU A 8 -8.02 27.50 5.99
CA GLU A 8 -7.60 26.82 4.79
C GLU A 8 -6.84 25.54 5.06
N ASP A 9 -6.79 25.09 6.32
CA ASP A 9 -6.13 23.85 6.68
C ASP A 9 -7.09 22.70 6.89
N LYS A 10 -8.31 22.98 7.34
CA LYS A 10 -9.31 21.92 7.48
C LYS A 10 -9.79 21.42 6.13
N ALA A 11 -9.84 22.29 5.13
CA ALA A 11 -10.24 21.86 3.78
C ALA A 11 -9.23 20.87 3.21
N ALA A 12 -7.94 21.10 3.47
CA ALA A 12 -6.92 20.14 3.03
C ALA A 12 -7.12 18.78 3.69
N VAL A 13 -7.44 18.79 4.98
CA VAL A 13 -7.69 17.54 5.69
C VAL A 13 -8.91 16.83 5.11
N GLU A 14 -9.97 17.57 4.80
CA GLU A 14 -11.16 16.97 4.20
C GLU A 14 -10.84 16.38 2.83
N ARG A 15 -10.05 17.10 2.02
CA ARG A 15 -9.67 16.60 0.72
C ARG A 15 -8.85 15.32 0.84
N SER A 16 -7.91 15.28 1.79
CA SER A 16 -7.13 14.07 2.02
C SER A 16 -8.00 12.91 2.46
N LYS A 17 -8.98 13.18 3.32
CA LYS A 17 -9.88 12.12 3.77
C LYS A 17 -10.71 11.58 2.60
N MET A 18 -11.18 12.46 1.72
CA MET A 18 -11.97 12.00 0.58
C MET A 18 -11.11 11.22 -0.42
N ILE A 19 -9.84 11.62 -0.59
CA ILE A 19 -8.95 10.84 -1.43
C ILE A 19 -8.69 9.47 -0.82
N ASP A 20 -8.57 9.41 0.52
CA ASP A 20 -8.48 8.13 1.20
C ASP A 20 -9.69 7.27 0.92
N ARG A 21 -10.89 7.87 0.99
CA ARG A 21 -12.11 7.13 0.71
C ARG A 21 -12.13 6.62 -0.73
N ASN A 22 -11.71 7.47 -1.67
CA ASN A 22 -11.69 7.06 -3.08
C ASN A 22 -10.76 5.88 -3.30
N LEU A 23 -9.56 5.93 -2.71
CA LEU A 23 -8.63 4.82 -2.89
C LEU A 23 -9.10 3.56 -2.19
N ARG A 24 -9.73 3.69 -1.01
CA ARG A 24 -10.28 2.51 -0.35
C ARG A 24 -11.38 1.88 -1.19
N GLU A 25 -12.22 2.70 -1.82
CA GLU A 25 -13.25 2.16 -2.71
C GLU A 25 -12.63 1.50 -3.93
N ASP A 26 -11.59 2.10 -4.50
CA ASP A 26 -10.99 1.55 -5.71
C ASP A 26 -10.21 0.27 -5.45
N GLY A 27 -9.63 0.13 -4.25
CA GLY A 27 -8.83 -1.04 -3.95
C GLY A 27 -9.60 -2.31 -3.69
N GLU A 28 -10.91 -2.22 -3.51
CA GLU A 28 -11.75 -3.39 -3.30
C GLU A 28 -12.23 -4.01 -4.60
N LYS A 29 -12.04 -3.34 -5.73
CA LYS A 29 -12.42 -3.89 -7.02
C LYS A 29 -11.28 -4.63 -7.71
N ALA A 30 -10.07 -4.59 -7.15
CA ALA A 30 -8.94 -5.30 -7.72
C ALA A 30 -8.72 -6.67 -7.10
N ALA A 31 -9.39 -6.98 -5.99
CA ALA A 31 -9.29 -8.29 -5.35
C ALA A 31 -10.37 -9.25 -5.83
N ARG A 32 -11.24 -8.83 -6.74
CA ARG A 32 -12.32 -9.67 -7.26
C ARG A 32 -12.02 -10.18 -8.66
N GLU A 33 -10.76 -10.15 -9.08
CA GLU A 33 -10.33 -10.62 -10.39
C GLU A 33 -9.49 -11.87 -10.25
N VAL A 34 -9.65 -12.79 -11.20
CA VAL A 34 -8.86 -14.02 -11.23
C VAL A 34 -7.70 -13.80 -12.20
N LYS A 35 -6.49 -13.81 -11.67
CA LYS A 35 -5.30 -13.46 -12.44
C LYS A 35 -4.61 -14.71 -12.98
N LEU A 36 -4.42 -14.75 -14.29
CA LEU A 36 -3.74 -15.84 -14.95
C LEU A 36 -2.50 -15.31 -15.66
N LEU A 37 -1.39 -16.01 -15.52
CA LEU A 37 -0.15 -15.66 -16.20
C LEU A 37 0.16 -16.74 -17.22
N LEU A 38 0.26 -16.37 -18.49
CA LEU A 38 0.41 -17.35 -19.57
C LEU A 38 1.85 -17.40 -20.03
N LEU A 39 2.35 -18.61 -20.24
CA LEU A 39 3.74 -18.83 -20.63
C LEU A 39 3.83 -19.94 -21.66
N GLY A 40 4.92 -19.91 -22.42
CA GLY A 40 5.13 -20.90 -23.46
C GLY A 40 6.45 -20.65 -24.16
N ALA A 41 6.57 -21.19 -25.37
CA ALA A 41 7.77 -21.03 -26.18
C ALA A 41 7.51 -20.26 -27.47
N GLY A 42 6.38 -19.56 -27.55
CA GLY A 42 6.06 -18.78 -28.73
C GLY A 42 5.51 -19.62 -29.86
N GLU A 43 6.34 -20.52 -30.39
CA GLU A 43 5.93 -21.41 -31.46
C GLU A 43 5.21 -22.66 -30.97
N SER A 44 5.06 -22.82 -29.65
CA SER A 44 4.37 -23.98 -29.08
C SER A 44 2.86 -23.86 -29.19
N GLY A 45 2.33 -22.75 -29.68
CA GLY A 45 0.90 -22.59 -29.81
C GLY A 45 0.31 -21.61 -28.82
N LYS A 46 1.12 -20.62 -28.43
CA LYS A 46 0.64 -19.62 -27.47
C LYS A 46 -0.47 -18.76 -28.07
N SER A 47 -0.23 -18.22 -29.26
CA SER A 47 -1.20 -17.31 -29.88
C SER A 47 -2.51 -18.03 -30.19
N THR A 48 -2.44 -19.26 -30.68
CA THR A 48 -3.66 -19.99 -31.00
C THR A 48 -4.46 -20.31 -29.74
N ILE A 49 -3.78 -20.61 -28.63
CA ILE A 49 -4.48 -20.84 -27.37
C ILE A 49 -5.13 -19.55 -26.87
N VAL A 50 -4.42 -18.43 -26.98
CA VAL A 50 -4.99 -17.16 -26.55
C VAL A 50 -6.24 -16.83 -27.36
N LYS A 51 -6.18 -17.03 -28.69
CA LYS A 51 -7.34 -16.80 -29.53
C LYS A 51 -8.45 -17.82 -29.25
N GLN A 52 -8.07 -19.03 -28.82
CA GLN A 52 -9.04 -20.10 -28.65
C GLN A 52 -9.86 -19.94 -27.38
N MET A 53 -9.19 -19.77 -26.24
CA MET A 53 -9.92 -19.66 -24.97
C MET A 53 -10.60 -18.31 -24.81
N LYS A 54 -10.18 -17.30 -25.57
CA LYS A 54 -10.85 -16.01 -25.56
C LYS A 54 -12.05 -16.02 -26.49
N ILE A 55 -13.06 -15.22 -26.15
CA ILE A 55 -14.27 -15.11 -26.94
C ILE A 55 -13.96 -14.50 -28.31
N GLY A 183 5.72 -5.25 -25.06
CA GLY A 183 5.85 -5.37 -23.63
C GLY A 183 5.04 -6.50 -23.03
N ILE A 184 3.85 -6.19 -22.54
CA ILE A 184 2.95 -7.17 -21.94
C ILE A 184 1.56 -6.95 -22.50
N VAL A 185 0.86 -8.05 -22.80
CA VAL A 185 -0.49 -8.01 -23.34
C VAL A 185 -1.45 -8.40 -22.22
N GLU A 186 -2.47 -7.57 -22.01
CA GLU A 186 -3.45 -7.77 -20.94
C GLU A 186 -4.81 -8.04 -21.57
N THR A 187 -5.45 -9.13 -21.16
CA THR A 187 -6.74 -9.52 -21.71
C THR A 187 -7.73 -9.72 -20.56
N HIS A 188 -8.98 -9.35 -20.79
CA HIS A 188 -10.04 -9.54 -19.81
C HIS A 188 -11.20 -10.29 -20.44
N PHE A 189 -11.74 -11.28 -19.72
CA PHE A 189 -12.91 -11.97 -20.24
C PHE A 189 -13.72 -12.57 -19.09
N THR A 190 -15.02 -12.70 -19.32
CA THR A 190 -15.96 -13.17 -18.31
C THR A 190 -16.51 -14.53 -18.73
N PHE A 191 -16.64 -15.43 -17.75
CA PHE A 191 -17.18 -16.77 -18.00
C PHE A 191 -17.83 -17.27 -16.73
N LYS A 192 -19.15 -17.47 -16.78
CA LYS A 192 -19.93 -18.00 -15.66
C LYS A 192 -19.78 -17.12 -14.42
N ASP A 193 -20.05 -15.82 -14.60
CA ASP A 193 -20.03 -14.84 -13.50
C ASP A 193 -18.67 -14.76 -12.83
N LEU A 194 -17.60 -15.01 -13.58
CA LEU A 194 -16.24 -14.89 -13.08
C LEU A 194 -15.40 -14.11 -14.08
N HIS A 195 -14.56 -13.22 -13.57
CA HIS A 195 -13.74 -12.34 -14.40
C HIS A 195 -12.29 -12.79 -14.37
N PHE A 196 -11.73 -13.02 -15.55
CA PHE A 196 -10.36 -13.51 -15.70
C PHE A 196 -9.53 -12.44 -16.40
N LYS A 197 -8.36 -12.15 -15.84
CA LYS A 197 -7.39 -11.22 -16.38
C LYS A 197 -6.13 -12.02 -16.74
N MET A 198 -5.83 -12.10 -18.03
CA MET A 198 -4.72 -12.87 -18.55
C MET A 198 -3.56 -11.95 -18.89
N PHE A 199 -2.37 -12.30 -18.44
CA PHE A 199 -1.14 -11.57 -18.73
C PHE A 199 -0.26 -12.43 -19.63
N ASP A 200 -0.01 -11.96 -20.84
CA ASP A 200 0.90 -12.59 -21.78
C ASP A 200 2.18 -11.75 -21.83
N VAL A 201 3.31 -12.38 -21.51
CA VAL A 201 4.58 -11.66 -21.40
C VAL A 201 5.63 -12.27 -22.34
N GLY A 202 5.18 -12.96 -23.39
CA GLY A 202 6.11 -13.55 -24.33
C GLY A 202 6.85 -12.56 -25.19
N GLY A 203 6.30 -11.36 -25.37
CA GLY A 203 6.93 -10.34 -26.16
C GLY A 203 7.92 -9.46 -25.45
N GLN A 204 8.18 -9.71 -24.16
CA GLN A 204 9.13 -8.90 -23.41
C GLN A 204 10.54 -9.06 -23.97
N ARG A 205 10.96 -10.29 -24.23
CA ARG A 205 12.27 -10.59 -24.80
C ARG A 205 13.40 -9.99 -23.95
N SER A 206 13.28 -10.14 -22.63
CA SER A 206 14.28 -9.60 -21.72
C SER A 206 14.64 -10.63 -20.65
N GLU A 207 15.43 -10.21 -19.65
CA GLU A 207 15.82 -11.12 -18.59
C GLU A 207 14.61 -11.45 -17.72
N ARG A 208 14.39 -12.76 -17.49
CA ARG A 208 13.22 -13.19 -16.74
C ARG A 208 13.37 -12.96 -15.24
N LYS A 209 14.59 -13.10 -14.71
CA LYS A 209 14.80 -13.04 -13.27
C LYS A 209 14.73 -11.61 -12.71
N LYS A 210 14.72 -10.59 -13.56
CA LYS A 210 14.75 -9.22 -13.08
C LYS A 210 13.36 -8.62 -12.86
N TRP A 211 12.30 -9.26 -13.37
CA TRP A 211 10.96 -8.74 -13.20
C TRP A 211 9.92 -9.81 -12.90
N ILE A 212 10.33 -11.06 -12.63
CA ILE A 212 9.35 -12.11 -12.36
C ILE A 212 8.68 -11.89 -11.01
N HIS A 213 9.38 -11.27 -10.06
CA HIS A 213 8.83 -11.07 -8.72
C HIS A 213 7.60 -10.16 -8.73
N CYS A 214 7.36 -9.42 -9.81
CA CYS A 214 6.12 -8.66 -9.92
C CYS A 214 4.91 -9.57 -9.93
N PHE A 215 5.02 -10.73 -10.57
CA PHE A 215 3.93 -11.71 -10.59
C PHE A 215 4.01 -12.67 -9.40
N GLU A 216 4.12 -12.10 -8.20
CA GLU A 216 4.25 -12.91 -7.00
C GLU A 216 2.91 -13.52 -6.57
N GLY A 217 1.82 -12.79 -6.72
CA GLY A 217 0.53 -13.24 -6.24
C GLY A 217 -0.46 -13.56 -7.33
N VAL A 218 0.02 -14.09 -8.46
CA VAL A 218 -0.88 -14.47 -9.54
C VAL A 218 -1.72 -15.67 -9.11
N THR A 219 -3.01 -15.64 -9.47
CA THR A 219 -3.91 -16.71 -9.05
C THR A 219 -3.52 -18.05 -9.69
N ALA A 220 -3.19 -18.05 -10.97
CA ALA A 220 -2.83 -19.30 -11.64
C ALA A 220 -1.86 -19.04 -12.78
N ILE A 221 -1.14 -20.10 -13.15
CA ILE A 221 -0.21 -20.08 -14.27
C ILE A 221 -0.74 -21.02 -15.33
N ILE A 222 -0.71 -20.59 -16.58
CA ILE A 222 -1.07 -21.41 -17.73
C ILE A 222 0.19 -21.61 -18.57
N PHE A 223 0.41 -22.83 -19.02
CA PHE A 223 1.60 -23.19 -19.78
C PHE A 223 1.16 -23.86 -21.07
N CYS A 224 1.78 -23.47 -22.19
CA CYS A 224 1.40 -23.98 -23.50
C CYS A 224 2.58 -24.73 -24.14
N VAL A 225 2.31 -25.93 -24.64
CA VAL A 225 3.32 -26.74 -25.31
C VAL A 225 2.67 -27.46 -26.49
N ALA A 226 3.37 -27.50 -27.62
CA ALA A 226 2.99 -28.29 -28.77
C ALA A 226 3.78 -29.59 -28.75
N LEU A 227 3.09 -30.72 -28.66
CA LEU A 227 3.74 -32.02 -28.61
C LEU A 227 4.11 -32.56 -29.97
N SER A 228 3.79 -31.85 -31.05
CA SER A 228 4.16 -32.25 -32.39
C SER A 228 5.51 -31.68 -32.84
N ASP A 229 6.21 -30.99 -31.94
CA ASP A 229 7.49 -30.37 -32.26
C ASP A 229 8.68 -31.20 -31.79
N TYR A 230 8.45 -32.47 -31.44
CA TYR A 230 9.54 -33.33 -31.00
C TYR A 230 10.55 -33.55 -32.12
N ASP A 231 10.08 -33.76 -33.34
CA ASP A 231 10.97 -33.93 -34.48
C ASP A 231 11.58 -32.62 -34.97
N LEU A 232 10.91 -31.50 -34.74
CA LEU A 232 11.41 -30.21 -35.18
C LEU A 232 12.68 -29.83 -34.43
N VAL A 233 13.56 -29.10 -35.11
CA VAL A 233 14.84 -28.68 -34.56
C VAL A 233 14.91 -27.16 -34.58
N LEU A 234 15.49 -26.59 -33.51
CA LEU A 234 15.60 -25.15 -33.41
C LEU A 234 16.53 -24.59 -34.49
N ALA A 235 16.20 -23.38 -34.95
CA ALA A 235 17.02 -22.75 -35.98
C ALA A 235 18.40 -22.37 -35.47
N GLU A 236 18.51 -21.98 -34.20
CA GLU A 236 19.80 -21.60 -33.65
C GLU A 236 20.77 -22.77 -33.63
N ASP A 237 20.29 -23.95 -33.25
CA ASP A 237 21.13 -25.14 -33.21
C ASP A 237 20.30 -26.32 -33.69
N GLU A 238 20.78 -26.99 -34.75
CA GLU A 238 20.07 -28.15 -35.28
C GLU A 238 20.11 -29.33 -34.33
N GLU A 239 21.13 -29.41 -33.47
CA GLU A 239 21.20 -30.52 -32.52
C GLU A 239 20.08 -30.44 -31.49
N MET A 240 19.77 -29.25 -31.00
CA MET A 240 18.77 -29.09 -29.96
C MET A 240 17.37 -29.03 -30.57
N ASN A 241 16.41 -29.63 -29.86
CA ASN A 241 15.02 -29.66 -30.29
C ASN A 241 14.16 -28.77 -29.40
N ARG A 242 12.93 -28.53 -29.85
CA ARG A 242 12.02 -27.65 -29.13
C ARG A 242 11.46 -28.33 -27.88
N MET A 243 11.34 -29.66 -27.89
CA MET A 243 10.79 -30.37 -26.74
C MET A 243 11.67 -30.19 -25.51
N HIS A 244 12.99 -30.29 -25.69
CA HIS A 244 13.90 -30.11 -24.55
C HIS A 244 13.88 -28.68 -24.05
N GLU A 245 13.75 -27.70 -24.96
CA GLU A 245 13.61 -26.31 -24.54
C GLU A 245 12.35 -26.11 -23.71
N SER A 246 11.23 -26.69 -24.15
CA SER A 246 10.00 -26.58 -23.38
C SER A 246 10.14 -27.23 -22.01
N MET A 247 10.76 -28.41 -21.96
CA MET A 247 10.94 -29.11 -20.69
C MET A 247 11.81 -28.32 -19.73
N LYS A 248 12.92 -27.76 -20.23
CA LYS A 248 13.81 -27.01 -19.36
C LYS A 248 13.19 -25.70 -18.90
N LEU A 249 12.41 -25.03 -19.77
CA LEU A 249 11.73 -23.82 -19.35
C LEU A 249 10.66 -24.12 -18.30
N PHE A 250 9.94 -25.25 -18.48
CA PHE A 250 8.99 -25.68 -17.47
C PHE A 250 9.69 -25.98 -16.15
N ASP A 251 10.86 -26.60 -16.21
CA ASP A 251 11.62 -26.87 -14.98
C ASP A 251 12.01 -25.56 -14.31
N SER A 252 12.45 -24.58 -15.09
CA SER A 252 12.85 -23.29 -14.52
C SER A 252 11.67 -22.58 -13.86
N ILE A 253 10.51 -22.59 -14.53
CA ILE A 253 9.34 -21.88 -13.99
C ILE A 253 8.80 -22.60 -12.76
N CYS A 254 8.74 -23.94 -12.80
CA CYS A 254 8.10 -24.70 -11.74
C CYS A 254 8.83 -24.55 -10.40
N ASN A 255 10.16 -24.52 -10.43
CA ASN A 255 10.95 -24.47 -9.20
C ASN A 255 11.37 -23.04 -8.84
N ASN A 256 10.53 -22.06 -9.14
CA ASN A 256 10.82 -20.69 -8.78
C ASN A 256 10.51 -20.46 -7.30
N LYS A 257 11.25 -19.53 -6.69
CA LYS A 257 11.07 -19.24 -5.28
C LYS A 257 9.82 -18.42 -5.00
N TRP A 258 9.27 -17.75 -6.00
CA TRP A 258 8.06 -16.95 -5.83
C TRP A 258 6.78 -17.71 -6.16
N PHE A 259 6.89 -18.96 -6.59
CA PHE A 259 5.73 -19.77 -6.98
C PHE A 259 5.74 -21.10 -6.23
N THR A 260 5.95 -21.02 -4.91
CA THR A 260 5.95 -22.24 -4.10
C THR A 260 4.55 -22.84 -3.99
N ASP A 261 3.53 -22.01 -3.93
CA ASP A 261 2.15 -22.45 -3.76
C ASP A 261 1.25 -21.87 -4.84
N THR A 262 1.70 -21.96 -6.09
CA THR A 262 0.95 -21.44 -7.23
C THR A 262 0.54 -22.61 -8.12
N SER A 263 -0.74 -22.63 -8.48
CA SER A 263 -1.27 -23.71 -9.33
C SER A 263 -0.88 -23.49 -10.78
N ILE A 264 -0.55 -24.59 -11.45
CA ILE A 264 -0.08 -24.58 -12.84
C ILE A 264 -0.98 -25.49 -13.66
N ILE A 265 -1.44 -24.98 -14.80
CA ILE A 265 -2.21 -25.76 -15.77
C ILE A 265 -1.32 -25.95 -17.00
N LEU A 266 -1.28 -27.17 -17.52
CA LEU A 266 -0.46 -27.51 -18.66
C LEU A 266 -1.35 -27.86 -19.84
N PHE A 267 -1.09 -27.24 -20.97
CA PHE A 267 -1.87 -27.46 -22.20
C PHE A 267 -0.95 -28.04 -23.26
N LEU A 268 -1.38 -29.15 -23.86
CA LEU A 268 -0.65 -29.81 -24.94
C LEU A 268 -1.52 -29.72 -26.19
N ASN A 269 -1.17 -28.81 -27.08
CA ASN A 269 -1.98 -28.52 -28.25
C ASN A 269 -1.34 -29.09 -29.52
N LYS A 270 -2.13 -29.11 -30.59
CA LYS A 270 -1.73 -29.67 -31.88
C LYS A 270 -1.37 -31.15 -31.74
N LYS A 271 -2.32 -31.91 -31.19
CA LYS A 271 -2.13 -33.36 -31.03
C LYS A 271 -2.30 -34.10 -32.35
N ASP A 272 -3.07 -33.53 -33.29
CA ASP A 272 -3.24 -34.20 -34.58
C ASP A 272 -1.90 -34.31 -35.32
N LEU A 273 -1.24 -33.18 -35.55
CA LEU A 273 0.02 -33.21 -36.27
C LEU A 273 0.99 -34.20 -35.62
N PHE A 274 0.95 -34.29 -34.29
CA PHE A 274 1.76 -35.29 -33.60
C PHE A 274 1.33 -36.70 -33.97
N GLU A 275 0.01 -36.96 -34.07
CA GLU A 275 -0.43 -38.33 -34.30
C GLU A 275 -0.15 -38.79 -35.74
N GLU A 276 -0.24 -37.88 -36.72
CA GLU A 276 0.21 -38.27 -38.06
C GLU A 276 1.73 -38.21 -38.22
N LYS A 277 2.45 -37.52 -37.35
CA LYS A 277 3.91 -37.57 -37.44
C LYS A 277 4.50 -38.76 -36.71
N ILE A 278 3.76 -39.38 -35.79
CA ILE A 278 4.30 -40.49 -35.02
C ILE A 278 4.41 -41.76 -35.84
N LYS A 279 3.74 -41.85 -36.99
CA LYS A 279 3.77 -43.06 -37.78
C LYS A 279 4.89 -43.07 -38.82
N LYS A 280 5.01 -41.99 -39.59
CA LYS A 280 6.07 -41.92 -40.59
C LYS A 280 7.45 -41.89 -39.94
N SER A 281 7.59 -41.14 -38.85
CA SER A 281 8.85 -41.03 -38.13
C SER A 281 8.65 -41.46 -36.69
N PRO A 282 9.41 -42.44 -36.19
CA PRO A 282 9.24 -42.87 -34.80
C PRO A 282 9.77 -41.81 -33.83
N LEU A 283 9.28 -41.91 -32.59
CA LEU A 283 9.67 -40.98 -31.54
C LEU A 283 10.98 -41.36 -30.87
N THR A 284 11.62 -42.45 -31.29
CA THR A 284 12.90 -42.86 -30.70
C THR A 284 13.99 -41.82 -30.93
N ILE A 285 13.84 -40.96 -31.94
CA ILE A 285 14.82 -39.89 -32.15
C ILE A 285 14.80 -38.92 -30.98
N CYS A 286 13.61 -38.53 -30.53
CA CYS A 286 13.51 -37.63 -29.39
C CYS A 286 13.85 -38.34 -28.08
N TYR A 287 13.36 -39.56 -27.89
CA TYR A 287 13.61 -40.34 -26.69
C TYR A 287 14.29 -41.64 -27.04
N PRO A 288 15.63 -41.71 -27.00
CA PRO A 288 16.31 -42.97 -27.31
C PRO A 288 16.19 -44.04 -26.24
N GLU A 289 15.65 -43.71 -25.06
CA GLU A 289 15.47 -44.67 -23.99
C GLU A 289 14.01 -45.10 -23.85
N TYR A 290 13.24 -45.00 -24.93
CA TYR A 290 11.83 -45.35 -24.94
C TYR A 290 11.63 -46.65 -25.70
N ALA A 291 10.90 -47.58 -25.10
CA ALA A 291 10.60 -48.88 -25.70
C ALA A 291 9.11 -49.17 -25.48
N GLY A 292 8.31 -48.93 -26.51
CA GLY A 292 6.88 -49.17 -26.41
C GLY A 292 6.28 -49.75 -27.68
N SER A 293 4.98 -49.56 -27.86
CA SER A 293 4.27 -50.06 -29.02
C SER A 293 4.32 -49.11 -30.22
N ASN A 294 4.99 -47.97 -30.08
CA ASN A 294 5.10 -46.97 -31.14
C ASN A 294 3.72 -46.51 -31.61
N THR A 295 2.80 -46.35 -30.68
CA THR A 295 1.45 -45.88 -30.95
C THR A 295 1.24 -44.50 -30.34
N TYR A 296 0.16 -43.84 -30.80
CA TYR A 296 -0.13 -42.49 -30.34
C TYR A 296 -0.43 -42.46 -28.84
N GLU A 297 -1.22 -43.42 -28.35
CA GLU A 297 -1.62 -43.39 -26.94
C GLU A 297 -0.43 -43.58 -26.03
N GLU A 298 0.44 -44.55 -26.33
CA GLU A 298 1.59 -44.79 -25.47
C GLU A 298 2.55 -43.61 -25.48
N ALA A 299 2.80 -43.03 -26.65
CA ALA A 299 3.68 -41.86 -26.74
C ALA A 299 3.11 -40.68 -25.97
N ALA A 300 1.80 -40.44 -26.11
CA ALA A 300 1.18 -39.35 -25.37
C ALA A 300 1.27 -39.58 -23.87
N ALA A 301 1.02 -40.82 -23.42
CA ALA A 301 1.11 -41.12 -22.00
C ALA A 301 2.53 -40.93 -21.48
N TYR A 302 3.53 -41.36 -22.26
CA TYR A 302 4.92 -41.20 -21.85
C TYR A 302 5.29 -39.71 -21.74
N ILE A 303 4.89 -38.91 -22.73
CA ILE A 303 5.18 -37.49 -22.70
C ILE A 303 4.50 -36.82 -21.51
N GLN A 304 3.23 -37.20 -21.26
CA GLN A 304 2.47 -36.59 -20.18
C GLN A 304 3.07 -36.94 -18.81
N CYS A 305 3.48 -38.20 -18.63
CA CYS A 305 4.13 -38.61 -17.39
C CYS A 305 5.46 -37.91 -17.22
N GLN A 306 6.24 -37.77 -18.30
CA GLN A 306 7.51 -37.07 -18.22
C GLN A 306 7.28 -35.61 -17.81
N PHE A 307 6.25 -34.98 -18.36
CA PHE A 307 5.96 -33.60 -18.01
C PHE A 307 5.55 -33.47 -16.55
N GLU A 308 4.75 -34.42 -16.04
CA GLU A 308 4.43 -34.39 -14.61
C GLU A 308 5.64 -34.67 -13.73
N ASP A 309 6.64 -35.39 -14.25
CA ASP A 309 7.81 -35.71 -13.43
C ASP A 309 8.63 -34.49 -13.05
N LEU A 310 8.39 -33.34 -13.68
CA LEU A 310 9.13 -32.13 -13.35
C LEU A 310 8.71 -31.52 -12.02
N ASN A 311 7.64 -32.00 -11.40
CA ASN A 311 7.23 -31.48 -10.11
C ASN A 311 8.17 -31.95 -9.01
N LYS A 312 8.44 -31.07 -8.06
CA LYS A 312 9.27 -31.39 -6.90
C LYS A 312 8.56 -31.18 -5.57
N ARG A 313 7.32 -30.70 -5.58
CA ARG A 313 6.57 -30.46 -4.35
C ARG A 313 5.49 -31.51 -4.12
N LYS A 314 4.58 -31.69 -5.07
CA LYS A 314 3.52 -32.69 -5.04
C LYS A 314 2.58 -32.54 -3.85
N ASP A 315 2.70 -31.45 -3.08
CA ASP A 315 1.85 -31.23 -1.92
C ASP A 315 0.99 -29.98 -2.07
N THR A 316 1.61 -28.83 -2.37
CA THR A 316 0.89 -27.57 -2.50
C THR A 316 0.71 -27.13 -3.95
N LYS A 317 1.41 -27.77 -4.89
CA LYS A 317 1.31 -27.43 -6.31
C LYS A 317 0.86 -28.66 -7.09
N GLU A 318 -0.14 -28.48 -7.93
CA GLU A 318 -0.68 -29.56 -8.75
C GLU A 318 -0.74 -29.11 -10.21
N ILE A 319 -0.38 -30.03 -11.10
CA ILE A 319 -0.34 -29.76 -12.54
C ILE A 319 -1.52 -30.46 -13.19
N TYR A 320 -2.30 -29.69 -13.95
CA TYR A 320 -3.44 -30.23 -14.71
C TYR A 320 -3.04 -30.30 -16.17
N THR A 321 -3.11 -31.50 -16.75
CA THR A 321 -2.72 -31.74 -18.13
C THR A 321 -3.96 -31.98 -18.99
N HIS A 322 -4.00 -31.35 -20.16
CA HIS A 322 -5.12 -31.46 -21.07
C HIS A 322 -4.62 -31.65 -22.49
N PHE A 323 -5.45 -32.27 -23.32
CA PHE A 323 -5.15 -32.50 -24.73
C PHE A 323 -6.25 -31.87 -25.56
N THR A 324 -5.88 -31.11 -26.58
CA THR A 324 -6.87 -30.47 -27.44
C THR A 324 -6.24 -30.17 -28.80
N CYS A 325 -7.07 -30.28 -29.84
CA CYS A 325 -6.68 -29.91 -31.19
C CYS A 325 -7.12 -28.47 -31.46
N ALA A 326 -7.10 -28.06 -32.73
CA ALA A 326 -7.52 -26.71 -33.07
C ALA A 326 -8.97 -26.46 -32.71
N THR A 327 -9.85 -27.43 -32.99
CA THR A 327 -11.25 -27.33 -32.60
C THR A 327 -11.41 -27.77 -31.16
N ASP A 328 -12.07 -26.94 -30.34
CA ASP A 328 -12.17 -27.20 -28.92
C ASP A 328 -13.56 -26.86 -28.42
N THR A 329 -13.95 -27.53 -27.32
CA THR A 329 -15.22 -27.24 -26.67
C THR A 329 -15.14 -27.22 -25.15
N LYS A 330 -13.98 -27.48 -24.54
CA LYS A 330 -13.94 -27.68 -23.10
C LYS A 330 -12.73 -27.06 -22.40
N ASN A 331 -11.89 -26.30 -23.10
CA ASN A 331 -10.73 -25.69 -22.43
C ASN A 331 -11.17 -24.68 -21.39
N VAL A 332 -12.19 -23.86 -21.71
CA VAL A 332 -12.67 -22.87 -20.76
C VAL A 332 -13.25 -23.55 -19.52
N GLN A 333 -13.93 -24.69 -19.71
CA GLN A 333 -14.42 -25.45 -18.57
C GLN A 333 -13.29 -25.96 -17.71
N PHE A 334 -12.21 -26.43 -18.35
CA PHE A 334 -11.05 -26.93 -17.62
C PHE A 334 -10.42 -25.84 -16.77
N VAL A 335 -10.16 -24.67 -17.36
CA VAL A 335 -9.54 -23.59 -16.60
C VAL A 335 -10.49 -23.08 -15.53
N PHE A 336 -11.80 -23.07 -15.80
CA PHE A 336 -12.77 -22.65 -14.80
C PHE A 336 -12.76 -23.59 -13.60
N ASP A 337 -12.72 -24.90 -13.85
CA ASP A 337 -12.65 -25.86 -12.75
C ASP A 337 -11.36 -25.69 -11.95
N ALA A 338 -10.24 -25.49 -12.64
CA ALA A 338 -8.97 -25.31 -11.94
C ALA A 338 -8.99 -24.07 -11.05
N VAL A 339 -9.46 -22.95 -11.58
CA VAL A 339 -9.49 -21.73 -10.79
C VAL A 339 -10.52 -21.82 -9.66
N THR A 340 -11.62 -22.55 -9.87
CA THR A 340 -12.58 -22.76 -8.80
C THR A 340 -11.95 -23.55 -7.66
N ASP A 341 -11.20 -24.60 -8.00
CA ASP A 341 -10.50 -25.36 -6.96
C ASP A 341 -9.49 -24.48 -6.22
N VAL A 342 -8.76 -23.64 -6.96
CA VAL A 342 -7.79 -22.75 -6.32
C VAL A 342 -8.50 -21.79 -5.37
N ILE A 343 -9.63 -21.23 -5.79
CA ILE A 343 -10.37 -20.30 -4.95
C ILE A 343 -10.89 -20.99 -3.71
N ILE A 344 -11.38 -22.23 -3.85
CA ILE A 344 -11.86 -22.98 -2.69
C ILE A 344 -10.73 -23.22 -1.71
N LYS A 345 -9.56 -23.62 -2.21
CA LYS A 345 -8.43 -23.85 -1.31
C LYS A 345 -8.00 -22.57 -0.61
N ASN A 346 -7.96 -21.46 -1.35
CA ASN A 346 -7.58 -20.19 -0.74
C ASN A 346 -8.57 -19.75 0.32
N ASN A 347 -9.87 -19.93 0.06
CA ASN A 347 -10.88 -19.58 1.05
C ASN A 347 -10.76 -20.46 2.29
N LEU A 348 -10.50 -21.75 2.10
CA LEU A 348 -10.32 -22.64 3.24
C LEU A 348 -9.12 -22.24 4.07
N LYS A 349 -8.01 -21.86 3.41
CA LYS A 349 -6.82 -21.45 4.15
C LYS A 349 -7.00 -20.10 4.83
N ASP A 350 -7.84 -19.22 4.27
CA ASP A 350 -7.98 -17.88 4.81
C ASP A 350 -8.58 -17.90 6.20
N CYS A 351 -9.59 -18.74 6.43
CA CYS A 351 -10.29 -18.79 7.71
C CYS A 351 -9.58 -19.66 8.74
N GLY A 352 -8.48 -20.32 8.37
CA GLY A 352 -7.74 -21.15 9.29
C GLY A 352 -8.28 -22.56 9.46
N LEU A 353 -9.40 -22.90 8.81
CA LEU A 353 -9.94 -24.25 8.90
C LEU A 353 -9.01 -25.25 8.21
N PHE A 354 -8.42 -24.85 7.08
CA PHE A 354 -7.49 -25.69 6.35
C PHE A 354 -6.20 -25.89 7.14
N GLY B 17 38.30 -15.71 -37.14
CA GLY B 17 39.28 -15.46 -38.19
C GLY B 17 40.56 -14.83 -37.66
N SER B 18 41.55 -14.70 -38.56
CA SER B 18 42.82 -14.10 -38.15
C SER B 18 42.63 -12.64 -37.74
N GLU B 19 41.82 -11.88 -38.49
CA GLU B 19 41.56 -10.49 -38.13
C GLU B 19 40.84 -10.41 -36.78
N LEU B 20 39.86 -11.28 -36.56
CA LEU B 20 39.14 -11.28 -35.29
C LEU B 20 40.08 -11.61 -34.13
N ASP B 21 40.96 -12.60 -34.31
CA ASP B 21 41.89 -12.96 -33.25
C ASP B 21 42.88 -11.84 -32.96
N GLN B 22 43.41 -11.20 -34.01
CA GLN B 22 44.37 -10.12 -33.79
C GLN B 22 43.69 -8.91 -33.14
N LEU B 23 42.45 -8.63 -33.51
CA LEU B 23 41.74 -7.50 -32.90
C LEU B 23 41.37 -7.81 -31.45
N ARG B 24 41.05 -9.07 -31.15
CA ARG B 24 40.81 -9.45 -29.77
C ARG B 24 42.09 -9.33 -28.94
N GLN B 25 43.22 -9.73 -29.49
CA GLN B 25 44.49 -9.58 -28.79
C GLN B 25 44.81 -8.11 -28.56
N GLU B 26 44.56 -7.26 -29.57
CA GLU B 26 44.79 -5.82 -29.41
C GLU B 26 43.88 -5.25 -28.33
N ALA B 27 42.61 -5.65 -28.30
CA ALA B 27 41.71 -5.19 -27.25
C ALA B 27 42.19 -5.64 -25.87
N GLU B 28 42.66 -6.88 -25.78
CA GLU B 28 43.16 -7.38 -24.51
C GLU B 28 44.38 -6.59 -24.05
N GLN B 29 45.27 -6.24 -24.96
CA GLN B 29 46.46 -5.51 -24.53
C GLN B 29 46.17 -4.03 -24.25
N LEU B 30 45.18 -3.44 -24.92
CA LEU B 30 44.67 -2.14 -24.45
C LEU B 30 44.09 -2.23 -23.05
N LYS B 31 43.33 -3.30 -22.77
CA LYS B 31 42.79 -3.46 -21.42
C LYS B 31 43.90 -3.60 -20.40
N ASN B 32 44.94 -4.36 -20.73
CA ASN B 32 46.09 -4.51 -19.84
C ASN B 32 46.79 -3.17 -19.62
N GLN B 33 46.97 -2.39 -20.68
CA GLN B 33 47.59 -1.07 -20.53
C GLN B 33 46.75 -0.15 -19.67
N ILE B 34 45.42 -0.17 -19.85
CA ILE B 34 44.53 0.65 -19.05
C ILE B 34 44.60 0.25 -17.58
N ARG B 35 44.62 -1.06 -17.31
CA ARG B 35 44.73 -1.54 -15.93
C ARG B 35 46.07 -1.12 -15.32
N ASP B 36 47.15 -1.21 -16.09
CA ASP B 36 48.45 -0.81 -15.57
C ASP B 36 48.49 0.69 -15.27
N ALA B 37 47.92 1.51 -16.16
CA ALA B 37 47.88 2.94 -15.93
C ALA B 37 47.03 3.28 -14.71
N ARG B 38 45.90 2.59 -14.54
CA ARG B 38 45.05 2.81 -13.37
C ARG B 38 45.77 2.43 -12.09
N LYS B 39 46.50 1.31 -12.11
CA LYS B 39 47.22 0.86 -10.91
C LYS B 39 48.46 1.70 -10.63
N ALA B 40 48.98 2.40 -11.64
CA ALA B 40 50.19 3.19 -11.43
C ALA B 40 49.95 4.32 -10.43
N CYS B 41 48.77 4.94 -10.47
CA CYS B 41 48.45 6.05 -9.58
C CYS B 41 47.85 5.61 -8.26
N ALA B 42 47.75 4.30 -8.02
CA ALA B 42 47.21 3.78 -6.77
C ALA B 42 48.32 3.80 -5.72
N ASP B 43 48.46 4.94 -5.04
CA ASP B 43 49.51 5.11 -4.05
C ASP B 43 48.98 5.14 -2.62
N ALA B 44 47.72 5.53 -2.41
CA ALA B 44 47.16 5.62 -1.07
C ALA B 44 45.69 5.22 -1.12
N THR B 45 45.11 5.02 0.06
CA THR B 45 43.72 4.62 0.20
C THR B 45 42.96 5.68 0.98
N LEU B 46 41.65 5.75 0.73
CA LEU B 46 40.80 6.72 1.43
C LEU B 46 40.74 6.44 2.93
N SER B 47 40.74 5.17 3.32
CA SER B 47 40.67 4.83 4.75
C SER B 47 41.88 5.34 5.51
N GLN B 48 43.07 5.22 4.93
CA GLN B 48 44.27 5.72 5.58
C GLN B 48 44.22 7.24 5.76
N ILE B 49 43.72 7.95 4.74
CA ILE B 49 43.62 9.39 4.83
C ILE B 49 42.60 9.80 5.89
N THR B 50 41.46 9.10 5.94
CA THR B 50 40.37 9.46 6.85
C THR B 50 40.37 8.64 8.13
N ASN B 51 41.50 8.06 8.49
CA ASN B 51 41.61 7.30 9.73
C ASN B 51 41.82 8.17 10.95
N ASN B 52 42.00 9.48 10.77
CA ASN B 52 42.20 10.40 11.89
C ASN B 52 40.94 11.18 12.25
N ILE B 53 39.89 11.10 11.44
CA ILE B 53 38.67 11.84 11.74
C ILE B 53 37.93 11.15 12.87
N ASP B 54 37.46 11.95 13.83
CA ASP B 54 36.69 11.40 14.94
C ASP B 54 35.39 10.80 14.42
N PRO B 55 34.92 9.69 15.01
CA PRO B 55 33.71 9.05 14.49
C PRO B 55 32.43 9.72 14.98
N VAL B 56 31.40 9.61 14.14
CA VAL B 56 30.12 10.22 14.46
C VAL B 56 29.41 9.42 15.54
N GLY B 57 28.62 10.10 16.36
CA GLY B 57 27.89 9.45 17.42
C GLY B 57 26.74 8.60 16.89
N ARG B 58 26.13 7.84 17.80
CA ARG B 58 25.01 6.97 17.45
C ARG B 58 23.86 7.79 16.88
N ILE B 59 23.55 7.58 15.60
CA ILE B 59 22.50 8.33 14.92
C ILE B 59 21.19 7.61 15.22
N GLN B 60 20.39 8.18 16.13
CA GLN B 60 19.09 7.63 16.51
C GLN B 60 18.01 8.36 15.73
N MET B 61 17.35 7.63 14.83
CA MET B 61 16.27 8.18 14.02
C MET B 61 14.95 7.53 14.44
N ARG B 62 13.94 8.35 14.68
CA ARG B 62 12.61 7.88 15.05
C ARG B 62 11.61 8.28 13.97
N THR B 63 10.60 7.43 13.79
CA THR B 63 9.59 7.67 12.76
C THR B 63 8.70 8.84 13.18
N ARG B 64 8.96 10.01 12.60
CA ARG B 64 8.16 11.19 12.91
C ARG B 64 6.78 11.12 12.25
N ARG B 65 6.72 10.69 10.99
CA ARG B 65 5.48 10.57 10.26
C ARG B 65 5.39 9.19 9.62
N THR B 66 4.20 8.61 9.65
CA THR B 66 3.92 7.33 9.01
C THR B 66 2.85 7.56 7.96
N LEU B 67 3.24 7.45 6.69
CA LEU B 67 2.34 7.67 5.56
C LEU B 67 1.77 6.32 5.12
N ARG B 68 0.45 6.21 5.16
CA ARG B 68 -0.27 5.02 4.76
C ARG B 68 -1.43 5.41 3.84
N GLY B 69 -1.93 4.43 3.10
CA GLY B 69 -3.00 4.68 2.16
C GLY B 69 -2.89 3.82 0.92
N HIS B 70 -1.71 3.27 0.68
CA HIS B 70 -1.54 2.33 -0.41
C HIS B 70 -2.13 0.99 -0.03
N LEU B 71 -3.02 0.47 -0.88
CA LEU B 71 -3.57 -0.86 -0.71
C LEU B 71 -2.87 -1.90 -1.59
N ALA B 72 -1.68 -1.58 -2.10
CA ALA B 72 -1.02 -2.42 -3.09
C ALA B 72 0.49 -2.31 -2.92
N LYS B 73 1.25 -2.65 -3.97
CA LYS B 73 2.69 -2.89 -3.87
C LYS B 73 3.49 -1.70 -4.38
N ILE B 74 4.36 -1.14 -3.52
CA ILE B 74 5.11 0.09 -3.77
C ILE B 74 6.39 -0.21 -4.54
N TYR B 75 6.75 0.68 -5.48
CA TYR B 75 8.02 0.52 -6.19
C TYR B 75 8.98 1.68 -6.03
N ALA B 76 8.53 2.93 -6.17
CA ALA B 76 9.46 4.06 -6.24
C ALA B 76 8.91 5.27 -5.50
N MET B 77 9.83 6.13 -5.06
CA MET B 77 9.49 7.42 -4.48
C MET B 77 10.53 8.45 -4.90
N HIS B 78 10.13 9.73 -4.85
CA HIS B 78 11.04 10.82 -5.15
C HIS B 78 10.66 12.04 -4.31
N TRP B 79 11.67 12.71 -3.77
CA TRP B 79 11.45 13.90 -2.97
C TRP B 79 11.21 15.11 -3.87
N GLY B 80 10.69 16.19 -3.26
CA GLY B 80 10.40 17.40 -3.99
C GLY B 80 11.52 18.42 -3.93
N THR B 81 11.38 19.47 -4.76
CA THR B 81 12.38 20.53 -4.80
C THR B 81 12.38 21.35 -3.52
N ASP B 82 11.20 21.58 -2.93
CA ASP B 82 11.10 22.35 -1.70
C ASP B 82 11.25 21.50 -0.44
N SER B 83 11.53 20.21 -0.61
CA SER B 83 11.73 19.28 0.52
C SER B 83 10.50 19.21 1.43
N ARG B 84 9.31 19.34 0.84
CA ARG B 84 8.07 19.24 1.59
C ARG B 84 7.13 18.21 0.96
N LEU B 85 7.19 18.09 -0.36
CA LEU B 85 6.34 17.17 -1.09
C LEU B 85 7.15 16.00 -1.63
N LEU B 86 6.45 14.90 -1.89
CA LEU B 86 7.05 13.71 -2.47
C LEU B 86 6.00 12.94 -3.24
N VAL B 87 6.46 12.01 -4.08
CA VAL B 87 5.59 11.23 -4.94
C VAL B 87 5.94 9.75 -4.79
N SER B 88 4.93 8.90 -4.81
CA SER B 88 5.10 7.45 -4.66
C SER B 88 4.26 6.72 -5.70
N ALA B 89 4.74 5.55 -6.10
CA ALA B 89 4.09 4.73 -7.13
C ALA B 89 3.79 3.35 -6.57
N SER B 90 2.56 2.89 -6.79
CA SER B 90 2.11 1.59 -6.29
C SER B 90 1.60 0.74 -7.45
N GLN B 91 1.39 -0.55 -7.16
CA GLN B 91 1.03 -1.52 -8.19
C GLN B 91 -0.44 -1.46 -8.60
N ASP B 92 -1.28 -0.77 -7.85
CA ASP B 92 -2.69 -0.66 -8.21
C ASP B 92 -2.95 0.49 -9.17
N GLY B 93 -1.93 0.91 -9.92
CA GLY B 93 -2.06 2.03 -10.83
C GLY B 93 -2.28 3.35 -10.12
N LYS B 94 -1.54 3.61 -9.04
CA LYS B 94 -1.70 4.82 -8.27
C LYS B 94 -0.36 5.54 -8.13
N LEU B 95 -0.36 6.82 -8.46
CA LEU B 95 0.77 7.73 -8.23
C LEU B 95 0.28 8.81 -7.29
N ILE B 96 0.77 8.81 -6.05
CA ILE B 96 0.28 9.69 -5.01
C ILE B 96 1.34 10.74 -4.70
N ILE B 97 0.91 12.00 -4.73
CA ILE B 97 1.74 13.12 -4.29
C ILE B 97 1.26 13.50 -2.89
N TRP B 98 2.15 13.36 -1.91
CA TRP B 98 1.85 13.51 -0.50
C TRP B 98 2.21 14.92 -0.02
N ASP B 99 1.96 15.16 1.26
CA ASP B 99 2.43 16.36 1.97
C ASP B 99 3.08 15.89 3.25
N SER B 100 4.42 15.95 3.30
CA SER B 100 5.15 15.31 4.39
C SER B 100 4.97 16.02 5.73
N TYR B 101 4.58 17.30 5.73
CA TYR B 101 4.47 18.03 6.99
C TYR B 101 3.17 17.69 7.72
N THR B 102 2.03 17.94 7.09
CA THR B 102 0.73 17.72 7.72
C THR B 102 0.14 16.36 7.42
N THR B 103 0.87 15.50 6.70
CA THR B 103 0.41 14.15 6.33
C THR B 103 -0.93 14.24 5.58
N ASN B 104 -0.88 14.90 4.42
CA ASN B 104 -2.04 15.06 3.56
C ASN B 104 -1.70 14.55 2.16
N LYS B 105 -2.72 14.08 1.46
CA LYS B 105 -2.57 13.56 0.10
C LYS B 105 -2.92 14.68 -0.88
N VAL B 106 -1.90 15.29 -1.45
CA VAL B 106 -2.11 16.42 -2.35
C VAL B 106 -2.75 15.95 -3.66
N HIS B 107 -2.25 14.85 -4.23
CA HIS B 107 -2.74 14.40 -5.52
C HIS B 107 -2.76 12.88 -5.59
N ALA B 108 -3.70 12.34 -6.37
CA ALA B 108 -3.79 10.92 -6.66
C ALA B 108 -4.06 10.75 -8.15
N ILE B 109 -3.13 10.12 -8.86
CA ILE B 109 -3.18 9.99 -10.31
C ILE B 109 -3.32 8.51 -10.65
N PRO B 110 -4.40 8.11 -11.33
CA PRO B 110 -4.47 6.75 -11.85
C PRO B 110 -3.47 6.52 -12.97
N LEU B 111 -3.05 5.27 -13.13
CA LEU B 111 -2.10 4.87 -14.16
C LEU B 111 -2.76 3.92 -15.13
N ARG B 112 -2.49 4.11 -16.43
CA ARG B 112 -3.01 3.21 -17.44
C ARG B 112 -2.42 1.80 -17.29
N SER B 113 -1.13 1.72 -17.00
CA SER B 113 -0.45 0.45 -16.80
C SER B 113 -0.12 0.30 -15.31
N SER B 114 -0.57 -0.81 -14.73
CA SER B 114 -0.37 -1.06 -13.30
C SER B 114 1.01 -1.60 -12.97
N TRP B 115 1.83 -1.91 -13.97
CA TRP B 115 3.16 -2.48 -13.75
C TRP B 115 4.18 -1.33 -13.83
N VAL B 116 4.26 -0.56 -12.75
CA VAL B 116 5.14 0.59 -12.66
C VAL B 116 6.36 0.22 -11.83
N MET B 117 7.54 0.70 -12.25
CA MET B 117 8.78 0.41 -11.56
C MET B 117 9.57 1.65 -11.17
N THR B 118 9.23 2.83 -11.67
CA THR B 118 9.99 4.03 -11.34
C THR B 118 9.11 5.26 -11.52
N CYS B 119 9.53 6.36 -10.91
CA CYS B 119 8.82 7.62 -11.00
C CYS B 119 9.81 8.76 -10.84
N ALA B 120 9.50 9.90 -11.48
CA ALA B 120 10.37 11.06 -11.45
C ALA B 120 9.57 12.32 -11.18
N TYR B 121 10.16 13.22 -10.41
CA TYR B 121 9.53 14.49 -10.05
C TYR B 121 10.34 15.64 -10.66
N ALA B 122 9.66 16.54 -11.35
CA ALA B 122 10.36 17.63 -12.03
C ALA B 122 10.96 18.60 -11.01
N PRO B 123 12.10 19.21 -11.34
CA PRO B 123 12.72 20.15 -10.40
C PRO B 123 11.96 21.46 -10.26
N SER B 124 11.08 21.78 -11.20
CA SER B 124 10.25 22.98 -11.12
C SER B 124 8.91 22.73 -10.46
N GLY B 125 8.62 21.49 -10.07
CA GLY B 125 7.34 21.18 -9.46
C GLY B 125 6.17 21.35 -10.40
N ASN B 126 6.35 20.99 -11.67
CA ASN B 126 5.33 21.17 -12.69
C ASN B 126 4.95 19.88 -13.41
N TYR B 127 5.86 18.92 -13.53
CA TYR B 127 5.61 17.69 -14.27
C TYR B 127 6.01 16.49 -13.43
N VAL B 128 5.42 15.34 -13.74
CA VAL B 128 5.80 14.08 -13.12
C VAL B 128 5.88 13.01 -14.20
N ALA B 129 6.92 12.18 -14.12
CA ALA B 129 7.19 11.16 -15.14
C ALA B 129 6.94 9.78 -14.55
N CYS B 130 6.16 8.96 -15.27
CA CYS B 130 5.84 7.62 -14.80
C CYS B 130 5.94 6.64 -15.97
N GLY B 131 6.58 5.50 -15.72
CA GLY B 131 6.70 4.49 -16.75
C GLY B 131 7.44 3.28 -16.24
N GLY B 132 7.26 2.18 -16.96
CA GLY B 132 7.95 0.95 -16.64
C GLY B 132 7.26 -0.29 -17.19
N LEU B 133 8.05 -1.22 -17.71
CA LEU B 133 7.56 -2.54 -18.16
C LEU B 133 6.46 -2.41 -19.20
N ASP B 134 6.42 -1.28 -19.92
CA ASP B 134 5.42 -1.06 -20.95
C ASP B 134 6.02 -0.37 -22.17
N ASN B 135 7.32 -0.09 -22.18
CA ASN B 135 8.04 0.57 -23.27
C ASN B 135 7.55 1.98 -23.52
N ILE B 136 6.73 2.54 -22.63
CA ILE B 136 6.17 3.88 -22.80
C ILE B 136 6.36 4.63 -21.49
N CYS B 137 6.82 5.88 -21.59
CA CYS B 137 6.98 6.77 -20.44
C CYS B 137 6.03 7.95 -20.60
N SER B 138 5.15 8.15 -19.63
CA SER B 138 4.14 9.20 -19.70
C SER B 138 4.52 10.36 -18.80
N ILE B 139 4.19 11.57 -19.24
CA ILE B 139 4.44 12.80 -18.50
C ILE B 139 3.10 13.42 -18.15
N TYR B 140 2.90 13.70 -16.86
CA TYR B 140 1.67 14.31 -16.36
C TYR B 140 1.97 15.72 -15.88
N ASN B 141 1.07 16.65 -16.21
CA ASN B 141 1.23 18.07 -15.89
C ASN B 141 0.52 18.34 -14.57
N LEU B 142 1.31 18.66 -13.52
CA LEU B 142 0.73 18.93 -12.22
C LEU B 142 0.02 20.28 -12.19
N LYS B 143 0.68 21.31 -12.74
CA LYS B 143 0.11 22.66 -12.75
C LYS B 143 -0.70 22.83 -14.03
N THR B 144 -1.95 22.40 -13.98
CA THR B 144 -2.86 22.48 -15.12
C THR B 144 -3.98 23.46 -14.81
N ARG B 145 -4.30 24.31 -15.80
CA ARG B 145 -5.37 25.28 -15.63
C ARG B 145 -6.72 24.61 -15.40
N GLU B 146 -6.90 23.38 -15.87
CA GLU B 146 -8.14 22.66 -15.62
C GLU B 146 -8.27 22.22 -14.16
N GLY B 147 -7.18 22.25 -13.40
CA GLY B 147 -7.20 21.90 -12.00
C GLY B 147 -6.92 20.44 -11.68
N ASN B 148 -6.84 19.59 -12.68
CA ASN B 148 -6.56 18.17 -12.49
C ASN B 148 -5.20 17.82 -13.09
N VAL B 149 -4.88 16.53 -13.07
CA VAL B 149 -3.62 16.02 -13.60
C VAL B 149 -3.93 15.14 -14.80
N ARG B 150 -3.34 15.47 -15.94
CA ARG B 150 -3.56 14.76 -17.19
C ARG B 150 -2.23 14.48 -17.87
N VAL B 151 -2.21 13.44 -18.70
CA VAL B 151 -1.00 13.07 -19.42
C VAL B 151 -0.71 14.10 -20.51
N SER B 152 0.55 14.49 -20.63
CA SER B 152 0.96 15.50 -21.60
C SER B 152 1.70 14.92 -22.79
N ARG B 153 2.66 14.02 -22.56
CA ARG B 153 3.45 13.45 -23.64
C ARG B 153 3.81 12.01 -23.30
N GLU B 154 3.74 11.15 -24.30
CA GLU B 154 4.13 9.75 -24.18
C GLU B 154 5.35 9.50 -25.04
N LEU B 155 6.42 9.01 -24.43
CA LEU B 155 7.67 8.71 -25.11
C LEU B 155 7.76 7.20 -25.30
N ALA B 156 7.92 6.77 -26.55
CA ALA B 156 8.01 5.37 -26.90
C ALA B 156 9.12 5.17 -27.94
N GLY B 157 9.64 3.95 -28.00
CA GLY B 157 10.72 3.64 -28.90
C GLY B 157 11.71 2.64 -28.32
N HIS B 158 11.54 2.32 -27.05
CA HIS B 158 12.37 1.34 -26.38
C HIS B 158 11.78 -0.06 -26.55
N THR B 159 12.66 -1.06 -26.52
CA THR B 159 12.26 -2.45 -26.66
C THR B 159 12.55 -3.23 -25.38
N GLY B 160 12.43 -2.56 -24.23
CA GLY B 160 12.65 -3.21 -22.95
C GLY B 160 12.06 -2.37 -21.84
N TYR B 161 11.89 -3.01 -20.68
CA TYR B 161 11.28 -2.33 -19.55
C TYR B 161 12.13 -1.16 -19.10
N LEU B 162 11.47 -0.02 -18.88
CA LEU B 162 12.16 1.17 -18.40
C LEU B 162 12.45 1.01 -16.91
N SER B 163 13.72 1.16 -16.53
CA SER B 163 14.12 0.93 -15.15
C SER B 163 14.22 2.21 -14.34
N CYS B 164 14.64 3.30 -14.94
CA CYS B 164 14.75 4.57 -14.24
C CYS B 164 14.45 5.71 -15.22
N CYS B 165 13.94 6.80 -14.68
CA CYS B 165 13.67 8.00 -15.46
C CYS B 165 13.91 9.21 -14.58
N ARG B 166 14.60 10.20 -15.11
CA ARG B 166 14.93 11.41 -14.35
C ARG B 166 14.86 12.62 -15.26
N PHE B 167 14.64 13.78 -14.65
CA PHE B 167 14.44 15.03 -15.37
C PHE B 167 15.75 15.81 -15.44
N LEU B 168 16.19 16.14 -16.66
CA LEU B 168 17.31 17.06 -16.83
C LEU B 168 16.86 18.50 -16.61
N ASP B 169 15.95 18.98 -17.45
CA ASP B 169 15.40 20.33 -17.36
C ASP B 169 13.89 20.27 -17.41
N ASP B 170 13.24 21.42 -17.57
CA ASP B 170 11.80 21.44 -17.74
C ASP B 170 11.36 20.90 -19.10
N ASN B 171 12.31 20.66 -20.01
CA ASN B 171 12.00 20.22 -21.36
C ASN B 171 12.81 18.98 -21.75
N GLN B 172 13.82 18.61 -20.95
CA GLN B 172 14.69 17.49 -21.28
C GLN B 172 14.53 16.38 -20.25
N ILE B 173 14.69 15.14 -20.71
CA ILE B 173 14.52 13.97 -19.86
C ILE B 173 15.41 12.85 -20.40
N VAL B 174 15.86 11.98 -19.52
CA VAL B 174 16.70 10.84 -19.88
C VAL B 174 16.10 9.58 -19.26
N THR B 175 15.98 8.52 -20.06
CA THR B 175 15.36 7.28 -19.61
C THR B 175 16.22 6.09 -20.03
N SER B 176 16.42 5.16 -19.11
CA SER B 176 17.16 3.93 -19.38
C SER B 176 16.19 2.75 -19.37
N SER B 177 16.31 1.89 -20.37
CA SER B 177 15.36 0.80 -20.55
C SER B 177 16.06 -0.55 -20.42
N GLY B 178 15.26 -1.62 -20.51
CA GLY B 178 15.74 -2.98 -20.39
C GLY B 178 16.34 -3.57 -21.63
N ASP B 179 16.40 -2.81 -22.73
CA ASP B 179 17.06 -3.25 -23.95
C ASP B 179 18.50 -2.73 -24.06
N THR B 180 19.15 -2.53 -22.91
CA THR B 180 20.54 -2.11 -22.82
C THR B 180 20.76 -0.75 -23.48
N THR B 181 19.77 0.15 -23.42
CA THR B 181 19.88 1.44 -24.07
C THR B 181 19.37 2.55 -23.16
N CYS B 182 20.03 3.69 -23.24
CA CYS B 182 19.58 4.93 -22.64
C CYS B 182 19.21 5.91 -23.75
N ALA B 183 18.23 6.76 -23.48
CA ALA B 183 17.75 7.69 -24.49
C ALA B 183 17.45 9.05 -23.87
N LEU B 184 17.85 10.10 -24.57
CA LEU B 184 17.53 11.47 -24.18
C LEU B 184 16.40 11.97 -25.07
N TRP B 185 15.32 12.43 -24.44
CA TRP B 185 14.11 12.81 -25.13
C TRP B 185 13.87 14.31 -24.99
N ASP B 186 12.97 14.81 -25.84
CA ASP B 186 12.45 16.17 -25.72
C ASP B 186 10.93 16.09 -25.70
N ILE B 187 10.33 16.59 -24.62
CA ILE B 187 8.87 16.55 -24.50
C ILE B 187 8.21 17.40 -25.58
N GLU B 188 8.85 18.50 -25.98
CA GLU B 188 8.27 19.37 -27.00
C GLU B 188 8.08 18.63 -28.32
N THR B 189 9.07 17.83 -28.73
CA THR B 189 9.01 17.10 -29.99
C THR B 189 8.58 15.66 -29.83
N GLY B 190 8.99 15.00 -28.76
CA GLY B 190 8.63 13.60 -28.53
C GLY B 190 9.52 12.60 -29.23
N GLN B 191 10.68 13.01 -29.73
CA GLN B 191 11.59 12.11 -30.42
C GLN B 191 12.96 12.17 -29.76
N GLN B 192 13.67 11.04 -29.80
CA GLN B 192 15.00 10.96 -29.21
C GLN B 192 15.98 11.82 -29.99
N THR B 193 16.86 12.52 -29.27
CA THR B 193 17.96 13.24 -29.87
C THR B 193 19.32 12.63 -29.58
N THR B 194 19.42 11.76 -28.59
CA THR B 194 20.67 11.08 -28.26
C THR B 194 20.38 9.68 -27.75
N THR B 195 21.13 8.71 -28.25
CA THR B 195 21.02 7.32 -27.83
C THR B 195 22.35 6.85 -27.28
N PHE B 196 22.32 6.31 -26.06
CA PHE B 196 23.50 5.81 -25.38
C PHE B 196 23.45 4.28 -25.38
N THR B 197 24.44 3.67 -26.01
CA THR B 197 24.54 2.21 -26.12
C THR B 197 25.96 1.78 -25.78
N GLY B 198 26.10 0.51 -25.42
CA GLY B 198 27.40 -0.04 -25.08
C GLY B 198 27.37 -1.06 -23.96
N HIS B 199 26.21 -1.20 -23.30
CA HIS B 199 26.05 -2.15 -22.22
C HIS B 199 25.63 -3.51 -22.77
N THR B 200 26.29 -4.56 -22.28
CA THR B 200 25.89 -5.92 -22.65
C THR B 200 24.68 -6.39 -21.85
N GLY B 201 24.65 -6.07 -20.56
CA GLY B 201 23.53 -6.42 -19.72
C GLY B 201 22.53 -5.28 -19.56
N ASP B 202 21.38 -5.62 -18.98
CA ASP B 202 20.29 -4.66 -18.87
C ASP B 202 20.66 -3.53 -17.91
N VAL B 203 20.18 -2.33 -18.20
CA VAL B 203 20.45 -1.15 -17.40
C VAL B 203 19.41 -1.07 -16.29
N MET B 204 19.87 -0.87 -15.06
CA MET B 204 18.98 -0.89 -13.90
C MET B 204 18.89 0.43 -13.15
N SER B 205 19.89 1.30 -13.26
CA SER B 205 19.85 2.56 -12.51
C SER B 205 20.67 3.61 -13.23
N LEU B 206 20.35 4.87 -12.95
CA LEU B 206 21.08 6.01 -13.50
C LEU B 206 21.03 7.15 -12.49
N SER B 207 22.01 8.04 -12.58
CA SER B 207 22.08 9.19 -11.70
C SER B 207 22.70 10.35 -12.46
N LEU B 208 22.34 11.57 -12.04
CA LEU B 208 22.72 12.80 -12.72
C LEU B 208 23.65 13.63 -11.85
N ALA B 209 24.64 14.25 -12.48
CA ALA B 209 25.52 15.15 -11.77
C ALA B 209 24.77 16.42 -11.39
N PRO B 210 25.19 17.08 -10.30
CA PRO B 210 24.50 18.32 -9.88
C PRO B 210 24.50 19.42 -10.93
N ASP B 211 25.52 19.46 -11.79
CA ASP B 211 25.59 20.47 -12.84
C ASP B 211 24.80 20.11 -14.09
N THR B 212 24.16 18.94 -14.10
CA THR B 212 23.36 18.47 -15.23
C THR B 212 24.16 18.48 -16.53
N ARG B 213 25.39 17.97 -16.45
CA ARG B 213 26.29 17.89 -17.60
C ARG B 213 26.76 16.47 -17.89
N LEU B 214 26.80 15.59 -16.89
CA LEU B 214 27.17 14.20 -17.09
C LEU B 214 26.28 13.33 -16.23
N PHE B 215 26.13 12.07 -16.63
CA PHE B 215 25.29 11.15 -15.87
C PHE B 215 25.85 9.74 -15.97
N VAL B 216 25.70 8.98 -14.89
CA VAL B 216 26.21 7.61 -14.85
C VAL B 216 25.03 6.64 -14.91
N SER B 217 25.31 5.45 -15.45
CA SER B 217 24.32 4.39 -15.54
C SER B 217 24.98 3.08 -15.16
N GLY B 218 24.20 2.17 -14.58
CA GLY B 218 24.69 0.86 -14.18
C GLY B 218 23.96 -0.23 -14.92
N ALA B 219 24.68 -1.32 -15.20
CA ALA B 219 24.13 -2.42 -15.97
C ALA B 219 24.21 -3.73 -15.19
N CYS B 220 23.46 -4.74 -15.66
CA CYS B 220 23.42 -6.04 -15.00
C CYS B 220 24.74 -6.81 -15.11
N ASP B 221 25.63 -6.42 -16.03
CA ASP B 221 26.91 -7.10 -16.18
C ASP B 221 27.97 -6.54 -15.25
N ALA B 222 27.57 -5.93 -14.14
CA ALA B 222 28.48 -5.37 -13.14
C ALA B 222 29.42 -4.34 -13.77
N SER B 223 28.82 -3.35 -14.44
CA SER B 223 29.58 -2.30 -15.09
C SER B 223 28.79 -1.00 -15.04
N ALA B 224 29.49 0.09 -14.72
CA ALA B 224 28.92 1.43 -14.70
C ALA B 224 29.60 2.28 -15.75
N LYS B 225 28.83 3.00 -16.54
CA LYS B 225 29.36 3.86 -17.58
C LYS B 225 28.94 5.30 -17.34
N LEU B 226 29.89 6.21 -17.55
CA LEU B 226 29.65 7.65 -17.46
C LEU B 226 29.43 8.20 -18.86
N TRP B 227 28.37 8.99 -19.04
CA TRP B 227 28.01 9.54 -20.32
C TRP B 227 27.92 11.05 -20.22
N ASP B 228 28.31 11.73 -21.29
CA ASP B 228 28.26 13.19 -21.37
C ASP B 228 27.00 13.59 -22.13
N VAL B 229 26.25 14.53 -21.56
CA VAL B 229 24.99 14.96 -22.17
C VAL B 229 25.24 15.68 -23.49
N ARG B 230 26.28 16.52 -23.53
CA ARG B 230 26.50 17.35 -24.71
C ARG B 230 26.95 16.52 -25.91
N GLU B 231 28.09 15.83 -25.79
CA GLU B 231 28.56 14.99 -26.88
C GLU B 231 27.61 13.81 -27.10
N GLY B 232 27.12 13.21 -26.02
CA GLY B 232 26.14 12.15 -26.13
C GLY B 232 26.70 10.75 -26.25
N MET B 233 27.93 10.51 -25.79
CA MET B 233 28.51 9.19 -25.86
C MET B 233 29.45 8.99 -24.67
N CYS B 234 29.69 7.72 -24.33
CA CYS B 234 30.31 7.37 -23.06
C CYS B 234 31.74 7.91 -22.95
N ARG B 235 32.15 8.18 -21.71
CA ARG B 235 33.49 8.62 -21.37
C ARG B 235 34.31 7.56 -20.64
N GLN B 236 33.78 7.03 -19.54
CA GLN B 236 34.54 6.14 -18.67
C GLN B 236 33.69 4.95 -18.24
N THR B 237 34.37 3.87 -17.88
CA THR B 237 33.74 2.64 -17.44
C THR B 237 34.40 2.17 -16.14
N PHE B 238 33.57 1.75 -15.19
CA PHE B 238 34.01 1.24 -13.91
C PHE B 238 33.45 -0.15 -13.68
N THR B 239 34.29 -1.05 -13.16
CA THR B 239 33.93 -2.43 -12.88
C THR B 239 34.44 -2.80 -11.48
N GLY B 240 34.11 -4.01 -11.06
CA GLY B 240 34.54 -4.49 -9.76
C GLY B 240 33.48 -5.31 -9.05
N HIS B 241 32.22 -5.10 -9.41
CA HIS B 241 31.12 -5.85 -8.81
C HIS B 241 31.06 -7.26 -9.39
N GLU B 242 30.35 -8.13 -8.67
CA GLU B 242 30.23 -9.54 -9.07
C GLU B 242 28.80 -9.97 -9.34
N SER B 243 27.84 -9.06 -9.32
CA SER B 243 26.44 -9.41 -9.56
C SER B 243 25.76 -8.22 -10.22
N ASP B 244 24.43 -8.28 -10.27
CA ASP B 244 23.65 -7.23 -10.92
C ASP B 244 23.72 -5.93 -10.14
N ILE B 245 23.78 -4.82 -10.87
CA ILE B 245 23.77 -3.48 -10.27
C ILE B 245 22.32 -3.09 -9.98
N ASN B 246 22.09 -2.57 -8.78
CA ASN B 246 20.74 -2.21 -8.34
C ASN B 246 20.53 -0.70 -8.20
N ALA B 247 21.43 0.00 -7.50
CA ALA B 247 21.26 1.42 -7.26
C ALA B 247 22.57 2.15 -7.49
N ILE B 248 22.46 3.44 -7.82
CA ILE B 248 23.63 4.30 -8.04
C ILE B 248 23.23 5.73 -7.72
N CYS B 249 24.20 6.49 -7.19
CA CYS B 249 23.94 7.90 -6.90
C CYS B 249 25.26 8.64 -6.70
N PHE B 250 25.35 9.85 -7.25
CA PHE B 250 26.54 10.67 -7.06
C PHE B 250 26.70 11.18 -5.63
N PHE B 251 27.95 11.50 -5.30
CA PHE B 251 28.26 12.28 -4.12
C PHE B 251 27.69 13.68 -4.26
N PRO B 252 27.34 14.33 -3.15
CA PRO B 252 26.85 15.72 -3.25
C PRO B 252 27.83 16.66 -3.91
N ASN B 253 29.13 16.41 -3.80
CA ASN B 253 30.12 17.24 -4.48
C ASN B 253 29.96 17.17 -5.98
N GLY B 254 29.71 15.96 -6.51
CA GLY B 254 29.56 15.77 -7.94
C GLY B 254 30.75 15.16 -8.63
N ASN B 255 31.80 14.83 -7.90
CA ASN B 255 33.00 14.21 -8.47
C ASN B 255 33.16 12.75 -8.06
N ALA B 256 32.13 12.15 -7.48
CA ALA B 256 32.18 10.75 -7.06
C ALA B 256 30.77 10.21 -7.00
N PHE B 257 30.66 8.88 -6.98
CA PHE B 257 29.35 8.25 -6.89
C PHE B 257 29.49 6.87 -6.26
N ALA B 258 28.42 6.43 -5.62
CA ALA B 258 28.35 5.15 -4.94
C ALA B 258 27.34 4.25 -5.64
N THR B 259 27.70 2.97 -5.74
CA THR B 259 26.91 1.97 -6.44
C THR B 259 26.65 0.78 -5.51
N GLY B 260 25.39 0.36 -5.42
CA GLY B 260 25.02 -0.81 -4.65
C GLY B 260 24.44 -1.91 -5.51
N SER B 261 24.98 -3.11 -5.37
CA SER B 261 24.62 -4.25 -6.21
C SER B 261 23.83 -5.29 -5.41
N ASP B 262 23.55 -6.42 -6.06
CA ASP B 262 22.76 -7.50 -5.48
C ASP B 262 23.62 -8.47 -4.68
N ASP B 263 24.95 -8.36 -4.76
CA ASP B 263 25.85 -9.27 -4.07
C ASP B 263 26.22 -8.80 -2.66
N ALA B 264 25.36 -8.01 -2.02
CA ALA B 264 25.56 -7.56 -0.64
C ALA B 264 26.87 -6.78 -0.49
N THR B 265 27.08 -5.82 -1.38
CA THR B 265 28.29 -5.01 -1.35
C THR B 265 28.02 -3.69 -2.05
N CYS B 266 28.43 -2.58 -1.42
CA CYS B 266 28.38 -1.26 -2.03
C CYS B 266 29.80 -0.77 -2.25
N ARG B 267 30.00 0.03 -3.29
CA ARG B 267 31.31 0.56 -3.61
C ARG B 267 31.23 2.06 -3.86
N LEU B 268 32.33 2.75 -3.56
CA LEU B 268 32.45 4.18 -3.82
C LEU B 268 33.48 4.39 -4.91
N PHE B 269 33.09 5.13 -5.96
CA PHE B 269 33.93 5.37 -7.12
C PHE B 269 34.39 6.83 -7.13
N ASP B 270 35.21 7.16 -8.13
CA ASP B 270 35.70 8.52 -8.29
C ASP B 270 35.82 8.81 -9.78
N LEU B 271 35.71 10.10 -10.12
CA LEU B 271 35.74 10.52 -11.53
C LEU B 271 37.14 10.89 -11.99
N ARG B 272 37.94 11.49 -11.12
CA ARG B 272 39.30 11.87 -11.49
C ARG B 272 40.28 10.72 -11.27
N ALA B 273 40.28 10.14 -10.07
CA ALA B 273 41.10 8.96 -9.77
C ALA B 273 40.26 7.71 -10.06
N ASP B 274 40.54 7.06 -11.18
CA ASP B 274 39.76 5.91 -11.63
C ASP B 274 40.15 4.64 -10.87
N GLN B 275 39.84 4.64 -9.57
CA GLN B 275 40.13 3.51 -8.70
C GLN B 275 38.98 3.33 -7.73
N GLU B 276 39.21 2.48 -6.72
CA GLU B 276 38.21 2.20 -5.69
C GLU B 276 38.56 2.98 -4.44
N LEU B 277 37.56 3.67 -3.87
CA LEU B 277 37.75 4.44 -2.65
C LEU B 277 37.43 3.62 -1.40
N MET B 278 36.20 3.09 -1.32
CA MET B 278 35.81 2.26 -0.19
C MET B 278 34.77 1.24 -0.63
N THR B 279 34.70 0.16 0.13
CA THR B 279 33.69 -0.88 -0.05
C THR B 279 32.95 -1.08 1.27
N TYR B 280 31.63 -1.14 1.19
CA TYR B 280 30.77 -1.30 2.36
C TYR B 280 30.10 -2.66 2.28
N SER B 281 30.41 -3.53 3.23
CA SER B 281 29.82 -4.86 3.31
C SER B 281 29.97 -5.36 4.74
N HIS B 282 29.12 -6.33 5.10
CA HIS B 282 29.14 -6.90 6.44
C HIS B 282 29.04 -8.42 6.34
N ASP B 283 29.60 -9.10 7.34
CA ASP B 283 29.61 -10.56 7.33
C ASP B 283 28.22 -11.13 7.60
N ASN B 284 27.45 -10.47 8.46
CA ASN B 284 26.14 -10.98 8.85
C ASN B 284 25.06 -10.74 7.80
N ILE B 285 25.37 -9.99 6.74
CA ILE B 285 24.42 -9.72 5.67
C ILE B 285 24.89 -10.45 4.42
N ILE B 286 24.04 -11.31 3.88
CA ILE B 286 24.33 -12.06 2.67
C ILE B 286 23.35 -11.73 1.55
N CYS B 287 22.72 -10.56 1.62
CA CYS B 287 21.70 -10.15 0.66
C CYS B 287 22.00 -8.74 0.18
N GLY B 288 21.62 -8.48 -1.08
CA GLY B 288 22.02 -7.28 -1.76
C GLY B 288 21.31 -6.03 -1.30
N ILE B 289 21.70 -4.91 -1.91
CA ILE B 289 21.18 -3.58 -1.60
C ILE B 289 20.20 -3.18 -2.69
N THR B 290 19.12 -2.52 -2.30
CA THR B 290 18.10 -2.06 -3.25
C THR B 290 18.18 -0.57 -3.55
N SER B 291 18.45 0.27 -2.56
CA SER B 291 18.53 1.70 -2.76
C SER B 291 19.72 2.27 -1.99
N VAL B 292 20.33 3.31 -2.56
CA VAL B 292 21.48 3.98 -1.97
C VAL B 292 21.28 5.48 -2.08
N SER B 293 21.55 6.20 -0.99
CA SER B 293 21.40 7.65 -0.98
C SER B 293 22.42 8.29 -0.06
N PHE B 294 22.67 9.57 -0.27
CA PHE B 294 23.63 10.34 0.49
C PHE B 294 22.92 11.40 1.32
N SER B 295 23.72 12.19 2.05
CA SER B 295 23.24 13.27 2.89
C SER B 295 23.77 14.61 2.38
N LYS B 296 23.51 15.67 3.15
CA LYS B 296 24.01 16.99 2.77
C LYS B 296 25.54 17.03 2.76
N SER B 297 26.16 16.48 3.79
CA SER B 297 27.61 16.63 3.98
C SER B 297 28.41 15.51 3.34
N GLY B 298 27.76 14.42 2.93
CA GLY B 298 28.46 13.27 2.42
C GLY B 298 29.11 12.41 3.49
N ARG B 299 28.94 12.75 4.77
CA ARG B 299 29.47 11.95 5.85
C ARG B 299 28.58 10.75 6.16
N LEU B 300 27.30 10.85 5.84
CA LEU B 300 26.32 9.82 6.17
C LEU B 300 25.79 9.20 4.89
N LEU B 301 25.71 7.88 4.86
CA LEU B 301 25.22 7.13 3.71
C LEU B 301 24.06 6.24 4.15
N LEU B 302 23.02 6.17 3.33
CA LEU B 302 21.86 5.33 3.61
C LEU B 302 21.78 4.22 2.58
N ALA B 303 21.76 2.98 3.04
CA ALA B 303 21.69 1.81 2.16
C ALA B 303 20.52 0.95 2.60
N GLY B 304 19.50 0.84 1.76
CA GLY B 304 18.35 0.03 2.10
C GLY B 304 18.53 -1.41 1.66
N TYR B 305 18.97 -2.27 2.59
CA TYR B 305 19.12 -3.68 2.30
C TYR B 305 17.75 -4.36 2.27
N ASP B 306 17.71 -5.52 1.61
CA ASP B 306 16.46 -6.26 1.44
C ASP B 306 16.25 -7.30 2.54
N ASP B 307 16.85 -7.10 3.71
CA ASP B 307 16.70 -7.98 4.86
C ASP B 307 15.70 -7.42 5.86
N PHE B 308 14.65 -6.76 5.37
CA PHE B 308 13.53 -6.22 6.14
C PHE B 308 13.89 -4.98 6.94
N ASN B 309 15.06 -4.39 6.72
CA ASN B 309 15.44 -3.16 7.40
C ASN B 309 16.52 -2.45 6.60
N CYS B 310 16.67 -1.16 6.86
CA CYS B 310 17.67 -0.33 6.20
C CYS B 310 18.94 -0.27 7.07
N ASN B 311 19.96 0.40 6.54
CA ASN B 311 21.22 0.55 7.27
C ASN B 311 21.81 1.93 7.01
N VAL B 312 22.59 2.40 7.98
CA VAL B 312 23.22 3.70 7.95
C VAL B 312 24.72 3.50 8.10
N TRP B 313 25.49 4.14 7.23
CA TRP B 313 26.94 3.93 7.17
C TRP B 313 27.66 5.26 7.26
N ASP B 314 28.88 5.21 7.80
CA ASP B 314 29.78 6.35 7.79
C ASP B 314 30.58 6.30 6.49
N ALA B 315 30.27 7.19 5.55
CA ALA B 315 30.87 7.14 4.23
C ALA B 315 32.37 7.37 4.26
N LEU B 316 32.89 8.04 5.28
CA LEU B 316 34.31 8.34 5.37
C LEU B 316 35.10 7.30 6.15
N LYS B 317 34.43 6.33 6.77
CA LYS B 317 35.13 5.30 7.53
C LYS B 317 34.58 3.90 7.33
N ALA B 318 33.53 3.73 6.51
CA ALA B 318 32.92 2.42 6.24
C ALA B 318 32.50 1.71 7.53
N ASP B 319 31.83 2.46 8.40
CA ASP B 319 31.35 1.95 9.68
C ASP B 319 29.85 2.18 9.80
N ARG B 320 29.18 1.25 10.45
CA ARG B 320 27.74 1.34 10.68
C ARG B 320 27.47 2.18 11.92
N ALA B 321 26.62 3.19 11.78
CA ALA B 321 26.29 4.11 12.86
C ALA B 321 24.78 4.32 12.95
N GLY B 322 24.04 3.22 12.90
CA GLY B 322 22.60 3.28 13.02
C GLY B 322 21.86 2.28 12.16
N VAL B 323 20.75 1.75 12.67
CA VAL B 323 19.92 0.80 11.95
C VAL B 323 18.49 1.33 11.96
N LEU B 324 17.90 1.47 10.78
CA LEU B 324 16.51 1.93 10.64
C LEU B 324 15.56 0.74 10.51
N ALA B 325 15.51 -0.07 11.56
CA ALA B 325 14.70 -1.28 11.59
C ALA B 325 13.29 -0.92 12.05
N GLY B 326 12.41 -0.65 11.09
CA GLY B 326 11.04 -0.32 11.40
C GLY B 326 10.03 -0.85 10.40
N HIS B 327 10.49 -1.68 9.48
CA HIS B 327 9.64 -2.22 8.42
C HIS B 327 9.47 -3.72 8.59
N ASP B 328 8.29 -4.21 8.20
CA ASP B 328 7.94 -5.62 8.32
C ASP B 328 8.11 -6.38 7.03
N ASN B 329 8.73 -5.79 6.02
CA ASN B 329 8.95 -6.44 4.73
C ASN B 329 10.21 -5.85 4.09
N ARG B 330 10.45 -6.23 2.85
CA ARG B 330 11.64 -5.80 2.13
C ARG B 330 11.60 -4.31 1.84
N VAL B 331 12.77 -3.71 1.66
CA VAL B 331 12.92 -2.28 1.43
C VAL B 331 13.26 -2.06 -0.04
N SER B 332 12.51 -1.17 -0.69
CA SER B 332 12.66 -0.90 -2.12
C SER B 332 13.18 0.49 -2.43
N CYS B 333 12.58 1.53 -1.85
CA CYS B 333 12.88 2.90 -2.20
C CYS B 333 13.25 3.72 -0.97
N LEU B 334 14.08 4.72 -1.19
CA LEU B 334 14.56 5.59 -0.11
C LEU B 334 14.94 6.94 -0.70
N GLY B 335 14.74 8.00 0.09
CA GLY B 335 15.02 9.34 -0.38
C GLY B 335 15.43 10.26 0.75
N VAL B 336 16.11 11.35 0.37
CA VAL B 336 16.61 12.35 1.31
C VAL B 336 16.17 13.72 0.82
N THR B 337 15.71 14.56 1.74
CA THR B 337 15.28 15.91 1.39
C THR B 337 16.47 16.72 0.86
N ASP B 338 16.15 17.76 0.09
CA ASP B 338 17.19 18.56 -0.54
C ASP B 338 18.09 19.24 0.48
N ASP B 339 17.50 19.79 1.54
CA ASP B 339 18.27 20.40 2.62
C ASP B 339 18.56 19.44 3.76
N GLY B 340 18.13 18.19 3.64
CA GLY B 340 18.48 17.16 4.62
C GLY B 340 17.90 17.35 6.00
N MET B 341 16.68 17.87 6.11
CA MET B 341 16.05 17.96 7.41
C MET B 341 15.65 16.58 7.93
N ALA B 342 15.23 15.69 7.04
CA ALA B 342 14.81 14.35 7.41
C ALA B 342 14.90 13.45 6.19
N VAL B 343 14.79 12.15 6.43
CA VAL B 343 14.86 11.16 5.36
C VAL B 343 13.51 10.44 5.28
N ALA B 344 13.25 9.84 4.13
CA ALA B 344 12.01 9.10 3.90
C ALA B 344 12.34 7.73 3.35
N THR B 345 11.62 6.72 3.85
CA THR B 345 11.85 5.34 3.42
C THR B 345 10.51 4.70 3.10
N GLY B 346 10.32 4.31 1.85
CA GLY B 346 9.23 3.44 1.47
C GLY B 346 9.62 1.99 1.66
N SER B 347 8.63 1.11 1.50
CA SER B 347 8.86 -0.30 1.74
C SER B 347 7.98 -1.13 0.80
N TRP B 348 8.14 -2.45 0.89
CA TRP B 348 7.49 -3.36 -0.02
C TRP B 348 6.11 -3.79 0.46
N ASP B 349 5.71 -3.37 1.67
CA ASP B 349 4.44 -3.77 2.27
C ASP B 349 3.44 -2.61 2.39
N SER B 350 3.55 -1.61 1.52
CA SER B 350 2.59 -0.49 1.44
C SER B 350 2.62 0.38 2.70
N PHE B 351 3.81 0.88 3.04
CA PHE B 351 3.97 1.81 4.15
C PHE B 351 5.17 2.71 3.88
N LEU B 352 5.04 3.99 4.20
CA LEU B 352 6.15 4.94 4.13
C LEU B 352 6.42 5.50 5.52
N LYS B 353 7.69 5.74 5.83
CA LYS B 353 8.07 6.27 7.14
C LYS B 353 9.11 7.37 6.97
N ILE B 354 8.89 8.50 7.63
CA ILE B 354 9.83 9.62 7.62
C ILE B 354 10.62 9.58 8.92
N TRP B 355 11.92 9.40 8.80
CA TRP B 355 12.83 9.31 9.94
C TRP B 355 13.62 10.61 10.08
N ASN B 356 13.83 11.02 11.32
CA ASN B 356 14.58 12.23 11.62
C ASN B 356 15.41 12.06 12.89
N THR C 6 29.55 -10.69 -41.51
CA THR C 6 30.69 -9.77 -41.56
C THR C 6 30.55 -8.67 -40.51
N ALA C 7 29.62 -8.86 -39.58
CA ALA C 7 29.43 -7.89 -38.51
C ALA C 7 30.46 -8.02 -37.40
N SER C 8 31.15 -9.16 -37.31
CA SER C 8 32.14 -9.34 -36.26
C SER C 8 33.30 -8.36 -36.39
N ILE C 9 33.79 -8.17 -37.62
CA ILE C 9 34.91 -7.25 -37.82
C ILE C 9 34.49 -5.81 -37.55
N ALA C 10 33.26 -5.45 -37.93
CA ALA C 10 32.77 -4.10 -37.65
C ALA C 10 32.63 -3.86 -36.16
N GLN C 11 32.09 -4.84 -35.43
CA GLN C 11 31.97 -4.70 -33.98
C GLN C 11 33.34 -4.63 -33.32
N ALA C 12 34.30 -5.41 -33.81
CA ALA C 12 35.66 -5.34 -33.28
C ALA C 12 36.29 -3.98 -33.55
N ARG C 13 36.06 -3.42 -34.74
CA ARG C 13 36.57 -2.08 -35.04
C ARG C 13 35.96 -1.04 -34.11
N LYS C 14 34.65 -1.13 -33.88
CA LYS C 14 34.01 -0.20 -32.95
C LYS C 14 34.59 -0.34 -31.55
N LEU C 15 34.80 -1.57 -31.09
CA LEU C 15 35.33 -1.80 -29.75
C LEU C 15 36.75 -1.27 -29.63
N VAL C 16 37.60 -1.49 -30.65
CA VAL C 16 38.98 -1.01 -30.55
C VAL C 16 39.02 0.50 -30.63
N GLU C 17 38.13 1.12 -31.40
CA GLU C 17 38.05 2.58 -31.40
C GLU C 17 37.63 3.11 -30.03
N GLN C 18 36.67 2.44 -29.40
CA GLN C 18 36.26 2.82 -28.05
C GLN C 18 37.43 2.69 -27.08
N LEU C 19 38.22 1.63 -27.21
CA LEU C 19 39.38 1.45 -26.33
C LEU C 19 40.44 2.51 -26.61
N LYS C 20 40.63 2.89 -27.87
CA LYS C 20 41.54 4.00 -28.18
C LYS C 20 41.12 5.28 -27.48
N MET C 21 39.82 5.60 -27.55
CA MET C 21 39.36 6.84 -26.94
C MET C 21 39.41 6.78 -25.42
N GLU C 22 39.09 5.61 -24.84
CA GLU C 22 39.02 5.48 -23.39
C GLU C 22 40.39 5.47 -22.72
N ALA C 23 41.47 5.29 -23.48
CA ALA C 23 42.82 5.30 -22.93
C ALA C 23 43.51 6.65 -23.08
N ASN C 24 42.75 7.73 -23.16
CA ASN C 24 43.27 9.07 -23.38
C ASN C 24 42.75 10.03 -22.31
N ILE C 25 42.83 9.60 -21.06
CA ILE C 25 42.37 10.42 -19.93
C ILE C 25 43.50 10.52 -18.91
N ASP C 26 43.49 11.61 -18.15
CA ASP C 26 44.51 11.86 -17.14
C ASP C 26 44.10 11.26 -15.81
N ARG C 27 45.10 11.03 -14.95
CA ARG C 27 44.88 10.46 -13.63
C ARG C 27 45.65 11.27 -12.60
N ILE C 28 45.13 11.27 -11.36
CA ILE C 28 45.75 11.98 -10.25
C ILE C 28 45.92 11.00 -9.10
N LYS C 29 46.68 11.43 -8.09
CA LYS C 29 46.90 10.60 -6.92
C LYS C 29 45.61 10.43 -6.12
N VAL C 30 45.46 9.25 -5.52
CA VAL C 30 44.26 8.96 -4.73
C VAL C 30 44.20 9.84 -3.49
N SER C 31 45.36 10.18 -2.92
CA SER C 31 45.38 10.98 -1.71
C SER C 31 44.79 12.37 -1.95
N LYS C 32 45.02 12.94 -3.13
CA LYS C 32 44.47 14.25 -3.44
C LYS C 32 42.94 14.21 -3.48
N ALA C 33 42.37 13.20 -4.13
CA ALA C 33 40.92 13.07 -4.18
C ALA C 33 40.35 12.81 -2.78
N ALA C 34 41.04 12.00 -1.99
CA ALA C 34 40.61 11.75 -0.62
C ALA C 34 40.60 13.03 0.19
N ALA C 35 41.65 13.84 0.05
CA ALA C 35 41.70 15.12 0.77
C ALA C 35 40.61 16.07 0.31
N ASP C 36 40.32 16.10 -1.00
CA ASP C 36 39.26 16.95 -1.51
C ASP C 36 37.90 16.53 -0.93
N LEU C 37 37.62 15.22 -0.92
CA LEU C 37 36.36 14.74 -0.36
C LEU C 37 36.27 15.06 1.12
N MET C 38 37.36 14.86 1.87
CA MET C 38 37.35 15.16 3.29
C MET C 38 37.13 16.65 3.55
N ALA C 39 37.77 17.49 2.74
CA ALA C 39 37.59 18.94 2.90
C ALA C 39 36.15 19.35 2.61
N TYR C 40 35.55 18.78 1.56
CA TYR C 40 34.15 19.10 1.26
C TYR C 40 33.25 18.66 2.41
N CYS C 41 33.47 17.45 2.93
CA CYS C 41 32.64 16.96 4.02
C CYS C 41 32.79 17.82 5.27
N GLU C 42 34.02 18.20 5.60
CA GLU C 42 34.25 19.04 6.77
C GLU C 42 33.63 20.42 6.61
N ALA C 43 33.72 20.99 5.40
CA ALA C 43 33.15 22.31 5.15
C ALA C 43 31.63 22.28 5.24
N HIS C 44 30.99 21.24 4.71
CA HIS C 44 29.53 21.18 4.69
C HIS C 44 28.93 20.46 5.90
N ALA C 45 29.75 20.00 6.84
CA ALA C 45 29.22 19.39 8.06
C ALA C 45 28.51 20.38 8.96
N LYS C 46 28.65 21.69 8.73
CA LYS C 46 28.03 22.67 9.61
C LYS C 46 26.52 22.71 9.43
N GLU C 47 26.02 22.43 8.22
CA GLU C 47 24.60 22.56 7.89
C GLU C 47 23.94 21.21 7.68
N ASP C 48 24.32 20.21 8.47
CA ASP C 48 23.75 18.87 8.36
C ASP C 48 22.84 18.59 9.56
N PRO C 49 21.53 18.68 9.42
CA PRO C 49 20.64 18.34 10.55
C PRO C 49 20.77 16.90 11.00
N LEU C 50 21.06 15.97 10.10
CA LEU C 50 21.15 14.57 10.48
C LEU C 50 22.44 14.28 11.25
N LEU C 51 23.55 14.88 10.84
CA LEU C 51 24.83 14.61 11.50
C LEU C 51 24.82 15.09 12.93
N THR C 52 24.31 16.30 13.17
CA THR C 52 24.23 16.87 14.51
C THR C 52 22.77 17.09 14.88
N PRO C 53 22.26 16.45 15.94
CA PRO C 53 20.84 16.62 16.29
C PRO C 53 20.51 18.05 16.68
N VAL C 54 19.71 18.72 15.85
CA VAL C 54 19.31 20.10 16.09
C VAL C 54 18.26 20.12 17.20
N PRO C 55 18.13 21.23 17.94
CA PRO C 55 17.06 21.31 18.94
C PRO C 55 15.69 21.27 18.30
N ALA C 56 14.72 20.73 19.05
CA ALA C 56 13.37 20.57 18.55
C ALA C 56 12.62 21.89 18.42
N SER C 57 13.17 22.99 18.94
CA SER C 57 12.47 24.27 18.85
C SER C 57 12.34 24.73 17.41
N GLU C 58 13.40 24.58 16.61
CA GLU C 58 13.40 25.01 15.21
C GLU C 58 13.29 23.86 14.23
N ASN C 59 13.01 22.65 14.71
CA ASN C 59 12.94 21.50 13.84
C ASN C 59 11.63 21.53 13.05
N PRO C 60 11.67 21.59 11.71
CA PRO C 60 10.42 21.53 10.94
C PRO C 60 9.74 20.18 11.01
N PHE C 61 10.51 19.10 11.18
CA PHE C 61 9.96 17.75 11.32
C PHE C 61 9.97 17.27 12.76
N ARG C 62 9.81 18.19 13.71
CA ARG C 62 9.77 17.82 15.12
C ARG C 62 8.55 16.95 15.40
N GLU C 63 8.69 16.03 16.35
CA GLU C 63 7.59 15.14 16.71
C GLU C 63 6.54 15.91 17.51
N LYS C 64 5.54 16.45 16.82
CA LYS C 64 4.48 17.20 17.47
C LYS C 64 3.43 16.24 18.03
N LYS C 65 2.42 16.81 18.68
CA LYS C 65 1.33 15.99 19.20
C LYS C 65 0.51 15.37 18.07
N PHE C 66 0.43 16.06 16.93
CA PHE C 66 -0.27 15.53 15.76
C PHE C 66 0.49 14.36 15.14
C1 MEA D 1 -39.20 -20.50 46.06
N MEA D 1 -37.86 -20.04 46.29
CA MEA D 1 -37.57 -18.72 45.77
C MEA D 1 -36.61 -18.84 44.59
O MEA D 1 -36.35 -17.91 43.82
CB MEA D 1 -36.99 -17.78 46.83
CG MEA D 1 -36.96 -16.37 46.38
CD1 MEA D 1 -35.76 -15.75 46.02
CE1 MEA D 1 -35.74 -14.43 45.59
CZ MEA D 1 -36.92 -13.70 45.50
CE2 MEA D 1 -38.13 -14.30 45.84
CD2 MEA D 1 -38.15 -15.64 46.28
N LYS D 2 -36.08 -20.06 44.45
CA LYS D 2 -35.11 -20.39 43.42
C LYS D 2 -33.90 -19.47 43.44
N PRO D 3 -33.02 -19.65 44.45
CA PRO D 3 -31.84 -18.79 44.63
C PRO D 3 -30.85 -18.84 43.46
C1 ZAL D 4 -27.59 -15.93 41.24
C2 ZAL D 4 -27.82 -14.44 41.15
C3 ZAL D 4 -26.88 -13.78 40.16
C4 ZAL D 4 -25.43 -14.07 40.50
C5 ZAL D 4 -25.19 -15.57 40.56
C6 ZAL D 4 -26.13 -16.24 41.55
N ZAL D 4 -30.58 -17.69 42.86
CA ZAL D 4 -29.50 -17.58 41.89
CB ZAL D 4 -28.46 -16.54 42.34
C ZAL D 4 -29.92 -17.28 40.41
O ZAL D 4 -30.73 -16.34 40.16
N ALC D 5 -29.38 -18.05 39.46
CA ALC D 5 -29.63 -17.84 38.05
C ALC D 5 -30.90 -18.51 37.62
O ALC D 5 -31.70 -19.08 38.37
CB ALC D 5 -28.51 -18.36 37.13
CG ALC D 5 -27.33 -17.41 36.95
CD2 ALC D 5 -26.08 -18.07 37.53
CE2 ALC D 5 -24.86 -17.21 37.31
CZ ALC D 5 -24.65 -16.90 35.84
CE1 ALC D 5 -25.89 -16.23 35.27
CD1 ALC D 5 -27.13 -17.07 35.48
N DAR D 6 -31.17 -18.40 36.30
CA DAR D 6 -32.41 -18.98 35.74
CB DAR D 6 -32.10 -19.95 34.60
CG DAR D 6 -30.63 -20.35 34.50
CD DAR D 6 -30.42 -21.81 34.83
NE DAR D 6 -29.04 -22.13 35.13
CZ DAR D 6 -28.51 -22.20 36.35
NH1 DAR D 6 -29.31 -22.21 37.41
NH2 DAR D 6 -27.20 -22.24 36.51
C DAR D 6 -33.31 -17.83 35.23
O DAR D 6 -32.78 -16.72 35.09
OXT DAR D 6 -34.50 -18.12 35.00
N VAL E 3 -10.79 26.71 -18.85
CA VAL E 3 -11.67 26.78 -17.69
C VAL E 3 -12.51 28.07 -17.75
N GLN E 4 -13.78 27.96 -17.39
CA GLN E 4 -14.67 29.11 -17.38
C GLN E 4 -15.87 28.80 -16.48
N LEU E 5 -16.44 29.86 -15.93
CA LEU E 5 -17.63 29.77 -15.08
C LEU E 5 -18.72 30.67 -15.67
N VAL E 6 -19.87 30.08 -15.95
CA VAL E 6 -21.04 30.81 -16.45
C VAL E 6 -22.09 30.80 -15.35
N GLU E 7 -22.53 31.97 -14.92
CA GLU E 7 -23.50 32.07 -13.84
C GLU E 7 -24.89 32.38 -14.40
N SER E 22 -27.47 31.06 -9.50
CA SER E 22 -26.76 29.80 -9.69
C SER E 22 -25.54 29.99 -10.59
N CYS E 23 -24.94 28.88 -11.02
CA CYS E 23 -23.75 28.93 -11.87
C CYS E 23 -23.71 27.63 -12.69
N SER E 24 -22.61 27.46 -13.43
CA SER E 24 -22.44 26.27 -14.25
C SER E 24 -20.95 26.07 -14.49
N ALA E 25 -20.55 24.80 -14.59
CA ALA E 25 -19.15 24.42 -14.77
C ALA E 25 -18.96 23.83 -16.16
N SER E 26 -17.91 24.27 -16.85
CA SER E 26 -17.57 23.74 -18.16
C SER E 26 -16.07 23.90 -18.39
N GLY E 27 -15.38 22.79 -18.53
CA GLY E 27 -13.95 22.80 -18.77
C GLY E 27 -13.07 22.48 -17.59
N PHE E 28 -13.64 22.06 -16.46
CA PHE E 28 -12.86 21.71 -15.28
C PHE E 28 -13.67 20.75 -14.42
N ALA E 29 -12.98 20.13 -13.47
CA ALA E 29 -13.61 19.20 -12.54
C ALA E 29 -14.22 20.00 -11.39
N PHE E 30 -15.55 20.09 -11.37
CA PHE E 30 -16.24 20.84 -10.32
C PHE E 30 -16.21 20.10 -8.99
N SER E 31 -16.03 18.78 -9.00
CA SER E 31 -16.13 17.98 -7.79
C SER E 31 -14.87 18.03 -6.94
N SER E 32 -13.79 18.65 -7.41
CA SER E 32 -12.55 18.74 -6.66
C SER E 32 -12.21 20.17 -6.24
N PHE E 33 -13.18 21.08 -6.30
CA PHE E 33 -12.96 22.49 -6.01
C PHE E 33 -13.95 22.95 -4.95
N GLY E 34 -13.44 23.64 -3.93
CA GLY E 34 -14.32 24.34 -3.01
C GLY E 34 -14.91 25.58 -3.62
N MET E 35 -16.03 26.05 -3.06
CA MET E 35 -16.78 27.15 -3.63
C MET E 35 -17.02 28.23 -2.58
N HIS E 36 -16.89 29.47 -2.99
CA HIS E 36 -17.21 30.62 -2.15
C HIS E 36 -18.13 31.58 -2.90
N TRP E 37 -18.75 32.48 -2.14
CA TRP E 37 -19.57 33.55 -2.70
C TRP E 37 -19.02 34.88 -2.24
N VAL E 38 -18.89 35.82 -3.18
CA VAL E 38 -18.39 37.15 -2.88
C VAL E 38 -19.32 38.20 -3.48
N GLU E 47 -20.14 41.04 -0.61
CA GLU E 47 -19.74 40.42 0.65
C GLU E 47 -19.84 38.90 0.55
N TRP E 48 -19.27 38.22 1.54
CA TRP E 48 -19.34 36.76 1.59
C TRP E 48 -20.75 36.32 1.99
N VAL E 49 -21.17 35.19 1.41
CA VAL E 49 -22.51 34.67 1.65
C VAL E 49 -22.42 33.29 2.28
N ALA E 50 -21.78 32.35 1.57
CA ALA E 50 -21.67 30.99 2.05
C ALA E 50 -20.43 30.34 1.47
N TYR E 51 -20.04 29.22 2.07
CA TYR E 51 -18.89 28.45 1.60
C TYR E 51 -19.22 26.97 1.72
N ILE E 52 -19.02 26.23 0.64
CA ILE E 52 -19.25 24.79 0.62
C ILE E 52 -17.99 24.11 0.07
N SER E 53 -17.48 23.14 0.82
CA SER E 53 -16.30 22.41 0.40
C SER E 53 -16.69 21.24 -0.49
N SER E 54 -15.69 20.49 -0.95
CA SER E 54 -15.95 19.30 -1.75
C SER E 54 -16.66 18.24 -0.92
N GLY E 55 -17.66 17.60 -1.53
CA GLY E 55 -18.44 16.59 -0.83
C GLY E 55 -19.42 17.12 0.18
N SER E 56 -19.55 18.44 0.31
CA SER E 56 -20.48 19.10 1.22
C SER E 56 -20.26 18.70 2.67
N GLY E 57 -19.05 18.26 3.02
CA GLY E 57 -18.78 17.88 4.40
C GLY E 57 -18.82 19.06 5.36
N THR E 58 -18.22 20.18 4.96
CA THR E 58 -18.16 21.38 5.79
C THR E 58 -18.83 22.52 5.02
N ILE E 59 -19.87 23.10 5.63
CA ILE E 59 -20.62 24.19 5.02
C ILE E 59 -20.70 25.33 6.03
N TYR E 60 -20.30 26.53 5.60
CA TYR E 60 -20.28 27.71 6.45
C TYR E 60 -21.21 28.77 5.88
N TYR E 61 -21.87 29.50 6.78
CA TYR E 61 -22.82 30.54 6.42
C TYR E 61 -22.37 31.88 6.96
N ALA E 62 -22.93 32.95 6.41
CA ALA E 62 -22.66 34.29 6.89
C ALA E 62 -23.60 34.63 8.04
N ASP E 63 -23.05 35.29 9.06
CA ASP E 63 -23.83 35.58 10.26
C ASP E 63 -24.96 36.57 10.01
N THR E 64 -24.83 37.42 8.99
CA THR E 64 -25.84 38.45 8.75
C THR E 64 -27.10 37.90 8.08
N VAL E 65 -26.98 36.85 7.28
CA VAL E 65 -28.11 36.38 6.48
C VAL E 65 -28.34 34.89 6.69
N LYS E 66 -27.80 34.34 7.78
CA LYS E 66 -28.01 32.93 8.08
C LYS E 66 -29.47 32.68 8.46
N GLY E 67 -30.15 31.87 7.66
CA GLY E 67 -31.53 31.53 7.94
C GLY E 67 -32.47 31.76 6.77
N ARG E 68 -32.18 32.77 5.95
CA ARG E 68 -33.04 33.09 4.81
C ARG E 68 -32.48 32.60 3.48
N PHE E 69 -31.17 32.48 3.33
CA PHE E 69 -30.55 31.93 2.14
C PHE E 69 -29.96 30.56 2.45
N THR E 70 -30.03 29.67 1.46
CA THR E 70 -29.50 28.32 1.60
C THR E 70 -28.68 27.98 0.38
N ILE E 71 -27.64 27.17 0.58
CA ILE E 71 -26.73 26.78 -0.51
C ILE E 71 -26.84 25.28 -0.72
N SER E 72 -26.86 24.86 -1.98
CA SER E 72 -26.94 23.45 -2.34
C SER E 72 -26.06 23.20 -3.56
N ARG E 73 -25.60 21.96 -3.69
CA ARG E 73 -24.69 21.57 -4.75
C ARG E 73 -25.28 20.40 -5.54
N ASP E 74 -24.98 20.36 -6.83
CA ASP E 74 -25.38 19.28 -7.71
C ASP E 74 -24.18 18.92 -8.59
N ASP E 75 -23.43 17.91 -8.15
CA ASP E 75 -22.24 17.48 -8.89
C ASP E 75 -22.56 16.91 -10.27
N PRO E 76 -23.54 16.02 -10.45
CA PRO E 76 -23.78 15.48 -11.81
C PRO E 76 -24.09 16.55 -12.84
N LYS E 77 -24.82 17.59 -12.46
CA LYS E 77 -25.12 18.69 -13.37
C LYS E 77 -24.15 19.86 -13.21
N ASN E 78 -23.22 19.78 -12.26
CA ASN E 78 -22.23 20.83 -12.02
C ASN E 78 -22.90 22.19 -11.81
N THR E 79 -23.85 22.22 -10.88
CA THR E 79 -24.62 23.44 -10.64
C THR E 79 -24.78 23.67 -9.15
N LEU E 80 -24.47 24.88 -8.71
CA LEU E 80 -24.59 25.28 -7.32
C LEU E 80 -25.75 26.26 -7.19
N PHE E 81 -26.76 25.87 -6.42
CA PHE E 81 -27.97 26.67 -6.24
C PHE E 81 -27.92 27.45 -4.93
N LEU E 82 -28.50 28.65 -4.96
CA LEU E 82 -28.62 29.50 -3.78
C LEU E 82 -30.09 29.90 -3.65
N GLN E 83 -30.81 29.24 -2.75
CA GLN E 83 -32.19 29.60 -2.46
C GLN E 83 -32.23 30.90 -1.68
N MET E 84 -32.98 31.88 -2.20
CA MET E 84 -33.06 33.19 -1.59
C MET E 84 -34.50 33.69 -1.57
N MET E 94 -25.06 42.75 -6.52
CA MET E 94 -24.41 41.79 -7.39
C MET E 94 -23.87 40.61 -6.59
N TYR E 95 -23.99 39.41 -7.15
CA TYR E 95 -23.55 38.18 -6.50
C TYR E 95 -22.54 37.48 -7.39
N TYR E 96 -21.46 36.99 -6.79
CA TYR E 96 -20.39 36.32 -7.52
C TYR E 96 -20.07 34.98 -6.86
N CYS E 97 -19.78 33.98 -7.69
CA CYS E 97 -19.37 32.66 -7.23
C CYS E 97 -17.93 32.42 -7.65
N VAL E 98 -17.10 32.01 -6.70
CA VAL E 98 -15.66 31.94 -6.88
C VAL E 98 -15.17 30.54 -6.57
N ARG E 99 -14.26 30.04 -7.42
CA ARG E 99 -13.61 28.76 -7.22
C ARG E 99 -12.52 28.86 -6.16
N SER E 100 -12.13 27.71 -5.62
CA SER E 100 -10.97 27.61 -4.75
C SER E 100 -10.54 26.16 -4.66
N ILE E 101 -9.30 25.95 -4.24
CA ILE E 101 -8.77 24.62 -3.93
C ILE E 101 -7.69 24.78 -2.88
N TYR E 102 -7.63 23.85 -1.94
CA TYR E 102 -6.81 24.00 -0.74
C TYR E 102 -5.82 22.85 -0.64
N TYR E 103 -4.58 23.13 -1.04
CA TYR E 103 -3.45 22.25 -0.82
C TYR E 103 -2.19 23.11 -0.82
N TYR E 104 -1.05 22.51 -0.53
CA TYR E 104 0.18 23.28 -0.43
C TYR E 104 0.58 23.81 -1.80
N GLY E 105 0.84 25.12 -1.87
CA GLY E 105 1.13 25.76 -3.13
C GLY E 105 -0.08 26.14 -3.96
N SER E 106 -1.29 25.95 -3.42
CA SER E 106 -2.50 26.28 -4.16
C SER E 106 -2.71 27.78 -4.24
N SER E 107 -3.59 28.19 -5.16
CA SER E 107 -3.94 29.59 -5.36
C SER E 107 -5.46 29.71 -5.31
N PRO E 108 -6.03 29.82 -4.11
CA PRO E 108 -7.48 29.94 -4.00
C PRO E 108 -7.99 31.26 -4.56
N PHE E 109 -9.29 31.29 -4.84
CA PHE E 109 -9.95 32.46 -5.45
C PHE E 109 -9.33 32.81 -6.80
N ASP E 110 -8.98 31.77 -7.56
CA ASP E 110 -8.33 31.99 -8.85
C ASP E 110 -9.31 32.57 -9.87
N PHE E 111 -10.50 31.98 -9.98
CA PHE E 111 -11.50 32.40 -10.95
C PHE E 111 -12.71 32.98 -10.23
N TRP E 112 -13.08 34.21 -10.58
CA TRP E 112 -14.17 34.93 -9.93
C TRP E 112 -15.48 34.83 -10.69
N GLY E 113 -15.53 34.05 -11.77
CA GLY E 113 -16.76 33.95 -12.53
C GLY E 113 -17.07 35.22 -13.30
N GLN E 114 -18.35 35.44 -13.56
CA GLN E 114 -18.81 36.60 -14.30
C GLN E 114 -19.66 37.56 -13.48
N GLY E 115 -20.60 37.04 -12.70
CA GLY E 115 -21.46 37.88 -11.88
C GLY E 115 -22.93 37.78 -12.25
N SER E 137 -14.74 39.92 17.91
CA SER E 137 -15.60 39.22 16.97
C SER E 137 -15.03 39.27 15.56
N ASP E 138 -15.79 39.83 14.63
CA ASP E 138 -15.35 39.94 13.25
C ASP E 138 -14.25 40.97 13.11
N ILE E 139 -13.19 40.61 12.39
CA ILE E 139 -12.09 41.53 12.12
C ILE E 139 -12.48 42.45 10.97
N VAL E 140 -12.32 43.75 11.16
CA VAL E 140 -12.76 44.75 10.20
C VAL E 140 -11.55 45.25 9.41
N MET E 141 -11.72 45.33 8.08
CA MET E 141 -10.68 45.81 7.19
C MET E 141 -11.03 47.24 6.78
N THR E 142 -10.05 48.14 6.88
CA THR E 142 -10.27 49.55 6.58
C THR E 142 -9.17 50.07 5.67
N GLN E 143 -9.56 50.94 4.73
CA GLN E 143 -8.63 51.62 3.84
C GLN E 143 -8.96 53.10 3.82
N ALA E 144 -7.99 53.93 4.23
CA ALA E 144 -8.22 55.38 4.28
C ALA E 144 -8.32 55.96 2.89
N THR E 145 -7.49 55.52 1.96
CA THR E 145 -7.45 56.09 0.62
C THR E 145 -8.74 55.75 -0.14
N SER E 146 -9.30 56.75 -0.83
CA SER E 146 -10.52 56.57 -1.59
C SER E 146 -10.39 56.94 -3.06
N SER E 147 -9.52 57.89 -3.40
CA SER E 147 -9.33 58.28 -4.79
C SER E 147 -8.00 59.01 -4.91
N VAL E 148 -7.20 58.62 -5.91
CA VAL E 148 -5.90 59.24 -6.13
C VAL E 148 -5.68 59.40 -7.64
N PRO E 149 -5.60 60.63 -8.14
CA PRO E 149 -5.21 60.82 -9.56
C PRO E 149 -3.78 60.38 -9.78
N VAL E 150 -3.53 59.86 -10.98
CA VAL E 150 -2.22 59.29 -11.31
C VAL E 150 -2.03 59.30 -12.82
N THR E 151 -0.78 59.39 -13.25
CA THR E 151 -0.36 59.34 -14.63
C THR E 151 0.48 58.09 -14.88
N PRO E 152 0.24 57.38 -15.99
CA PRO E 152 1.01 56.16 -16.25
C PRO E 152 2.51 56.43 -16.29
N GLY E 153 3.28 55.49 -15.73
CA GLY E 153 4.72 55.60 -15.67
C GLY E 153 5.30 55.88 -14.30
N GLU E 154 4.51 55.87 -13.24
CA GLU E 154 5.00 56.14 -11.89
C GLU E 154 4.42 55.14 -10.92
N SER E 155 5.15 54.91 -9.82
CA SER E 155 4.74 53.93 -8.83
C SER E 155 3.53 54.43 -8.03
N VAL E 156 2.69 53.49 -7.62
CA VAL E 156 1.50 53.78 -6.84
C VAL E 156 1.47 52.85 -5.62
N SER E 157 1.11 53.39 -4.47
CA SER E 157 1.04 52.62 -3.23
C SER E 157 -0.35 52.76 -2.62
N ILE E 158 -0.94 51.63 -2.25
CA ILE E 158 -2.25 51.59 -1.61
C ILE E 158 -2.12 50.83 -0.29
N SER E 159 -2.76 51.33 0.76
CA SER E 159 -2.59 50.81 2.11
C SER E 159 -3.88 50.18 2.62
N CYS E 160 -3.74 49.02 3.27
CA CYS E 160 -4.85 48.30 3.88
C CYS E 160 -4.44 47.92 5.31
N ARG E 161 -5.30 48.19 6.27
CA ARG E 161 -5.01 47.99 7.68
C ARG E 161 -5.76 46.78 8.23
N SER E 162 -5.37 46.38 9.44
CA SER E 162 -6.05 45.33 10.17
C SER E 162 -6.13 45.74 11.65
N SER E 163 -6.67 44.85 12.47
CA SER E 163 -6.79 45.11 13.90
C SER E 163 -6.09 44.08 14.77
N LYS E 164 -5.64 42.97 14.21
CA LYS E 164 -4.93 41.94 14.96
C LYS E 164 -3.81 41.39 14.07
N SER E 165 -3.22 40.28 14.49
CA SER E 165 -2.15 39.64 13.75
C SER E 165 -2.74 38.62 12.78
N LEU E 166 -2.57 38.86 11.48
CA LEU E 166 -3.08 37.97 10.45
C LEU E 166 -2.12 36.82 10.15
N LEU E 167 -0.94 36.81 10.76
CA LEU E 167 0.05 35.75 10.54
C LEU E 167 -0.33 34.55 11.40
N HIS E 168 -0.90 33.53 10.75
CA HIS E 168 -1.28 32.31 11.45
C HIS E 168 -0.03 31.46 11.72
N SER E 169 -0.19 30.47 12.60
CA SER E 169 0.93 29.62 12.98
C SER E 169 1.54 28.88 11.80
N ASN E 170 0.79 28.67 10.72
CA ASN E 170 1.32 28.03 9.53
C ASN E 170 2.12 28.98 8.65
N GLY E 171 2.16 30.28 8.98
CA GLY E 171 2.90 31.25 8.22
C GLY E 171 2.12 31.92 7.10
N ASN E 172 0.88 31.52 6.86
CA ASN E 172 0.08 32.10 5.79
C ASN E 172 -0.59 33.38 6.27
N THR E 173 -0.36 34.46 5.53
CA THR E 173 -1.01 35.76 5.79
C THR E 173 -2.18 35.87 4.84
N TYR E 174 -3.39 35.63 5.35
CA TYR E 174 -4.57 35.47 4.50
C TYR E 174 -5.08 36.86 4.09
N LEU E 175 -4.37 37.46 3.14
CA LEU E 175 -4.78 38.71 2.52
C LEU E 175 -4.79 38.52 1.00
N TYR E 176 -5.89 38.91 0.37
CA TYR E 176 -6.09 38.72 -1.06
C TYR E 176 -6.36 40.09 -1.68
N TRP E 177 -5.43 40.56 -2.50
CA TRP E 177 -5.63 41.78 -3.27
C TRP E 177 -6.17 41.42 -4.64
N PHE E 178 -7.32 42.00 -5.00
CA PHE E 178 -7.88 41.76 -6.32
C PHE E 178 -8.41 43.06 -6.91
N LEU E 179 -8.43 43.09 -8.25
CA LEU E 179 -8.79 44.28 -9.02
C LEU E 179 -10.07 44.03 -9.80
N GLN E 180 -10.92 45.06 -9.87
CA GLN E 180 -12.15 45.02 -10.63
C GLN E 180 -12.11 46.16 -11.64
N ARG E 181 -11.98 45.81 -12.92
CA ARG E 181 -11.99 46.81 -13.98
C ARG E 181 -13.39 47.40 -14.13
N PRO E 182 -13.50 48.64 -14.59
CA PRO E 182 -14.84 49.22 -14.82
C PRO E 182 -15.61 48.43 -15.86
N GLY E 183 -16.72 47.83 -15.43
CA GLY E 183 -17.52 47.00 -16.30
C GLY E 183 -17.01 45.59 -16.49
N GLN E 184 -16.11 45.13 -15.63
CA GLN E 184 -15.52 43.81 -15.74
C GLN E 184 -15.58 43.11 -14.39
N SER E 185 -15.59 41.77 -14.44
CA SER E 185 -15.58 40.98 -13.23
C SER E 185 -14.23 41.12 -12.53
N PRO E 186 -14.19 40.99 -11.20
CA PRO E 186 -12.92 41.11 -10.49
C PRO E 186 -11.97 39.98 -10.84
N GLN E 187 -10.67 40.29 -10.81
CA GLN E 187 -9.62 39.33 -11.10
C GLN E 187 -8.62 39.33 -9.95
N LEU E 188 -8.21 38.14 -9.54
CA LEU E 188 -7.25 38.02 -8.45
C LEU E 188 -5.88 38.54 -8.88
N LEU E 189 -5.26 39.34 -8.03
CA LEU E 189 -3.93 39.88 -8.27
C LEU E 189 -2.88 39.25 -7.38
N ILE E 190 -3.09 39.25 -6.06
CA ILE E 190 -2.12 38.69 -5.12
C ILE E 190 -2.87 37.86 -4.08
N TYR E 191 -2.42 36.63 -3.87
CA TYR E 191 -2.96 35.75 -2.84
C TYR E 191 -1.89 35.49 -1.80
N ARG E 192 -2.32 35.44 -0.53
CA ARG E 192 -1.44 35.25 0.63
C ARG E 192 -0.43 36.37 0.79
N MET E 193 -0.67 37.51 0.13
CA MET E 193 0.05 38.76 0.34
C MET E 193 1.50 38.70 -0.13
N SER E 194 1.94 37.53 -0.58
CA SER E 194 3.33 37.35 -0.99
C SER E 194 3.51 36.74 -2.38
N ASN E 195 2.50 36.10 -2.94
CA ASN E 195 2.60 35.42 -4.23
C ASN E 195 1.68 36.08 -5.25
N LEU E 196 2.15 36.14 -6.49
CA LEU E 196 1.39 36.71 -7.59
C LEU E 196 0.54 35.63 -8.26
N ALA E 197 -0.58 36.06 -8.83
CA ALA E 197 -1.49 35.15 -9.52
C ALA E 197 -0.94 34.79 -10.90
N SER E 198 -1.73 34.05 -11.66
CA SER E 198 -1.35 33.59 -12.99
C SER E 198 -2.32 34.17 -14.02
N GLY E 199 -1.79 34.46 -15.21
CA GLY E 199 -2.60 35.08 -16.25
C GLY E 199 -2.75 36.58 -16.13
N VAL E 200 -1.98 37.22 -15.26
CA VAL E 200 -2.09 38.66 -15.02
C VAL E 200 -0.71 39.26 -15.24
N PRO E 201 -0.64 40.56 -15.54
CA PRO E 201 0.67 41.20 -15.75
C PRO E 201 1.52 41.17 -14.49
N ASP E 202 2.84 41.13 -14.70
CA ASP E 202 3.81 40.99 -13.62
C ASP E 202 4.08 42.30 -12.88
N ARG E 203 3.50 43.41 -13.34
CA ARG E 203 3.86 44.72 -12.79
C ARG E 203 3.42 44.88 -11.34
N PHE E 204 2.25 44.36 -10.99
CA PHE E 204 1.73 44.53 -9.64
C PHE E 204 2.57 43.76 -8.63
N SER E 205 2.61 44.26 -7.40
CA SER E 205 3.31 43.60 -6.31
C SER E 205 2.71 44.06 -4.99
N GLY E 206 3.21 43.51 -3.88
CA GLY E 206 2.70 43.88 -2.58
C GLY E 206 3.63 43.45 -1.48
N SER E 207 3.60 44.18 -0.37
CA SER E 207 4.41 43.86 0.79
C SER E 207 3.82 44.53 2.02
N GLY E 208 4.15 44.01 3.19
CA GLY E 208 3.66 44.58 4.42
C GLY E 208 3.99 43.70 5.60
N SER E 209 3.62 44.21 6.79
CA SER E 209 3.93 43.51 8.03
C SER E 209 3.00 44.00 9.12
N GLY E 210 2.95 43.23 10.20
CA GLY E 210 2.16 43.62 11.36
C GLY E 210 0.70 43.80 10.99
N THR E 211 0.19 45.00 11.24
CA THR E 211 -1.19 45.35 10.91
C THR E 211 -1.32 46.22 9.67
N ALA E 212 -0.22 46.46 8.95
CA ALA E 212 -0.24 47.36 7.80
C ALA E 212 0.30 46.64 6.57
N PHE E 213 -0.47 46.65 5.48
CA PHE E 213 -0.09 46.01 4.24
C PHE E 213 -0.26 47.01 3.10
N THR E 214 0.54 46.85 2.05
CA THR E 214 0.53 47.77 0.93
C THR E 214 0.59 47.00 -0.38
N LEU E 215 -0.16 47.49 -1.36
CA LEU E 215 -0.09 47.02 -2.74
C LEU E 215 0.60 48.09 -3.58
N THR E 216 1.59 47.68 -4.35
CA THR E 216 2.46 48.59 -5.08
C THR E 216 2.41 48.31 -6.57
N ILE E 217 2.47 49.39 -7.35
CA ILE E 217 2.57 49.32 -8.80
C ILE E 217 3.87 50.03 -9.17
N SER E 218 4.84 49.28 -9.69
CA SER E 218 6.13 49.87 -10.04
C SER E 218 6.03 50.68 -11.33
N ARG E 219 5.59 50.05 -12.40
CA ARG E 219 5.38 50.71 -13.68
C ARG E 219 3.88 50.75 -13.98
N LEU E 220 3.38 51.94 -14.31
CA LEU E 220 1.96 52.16 -14.52
C LEU E 220 1.68 52.41 -15.99
N GLU E 221 0.63 51.78 -16.51
CA GLU E 221 0.20 51.99 -17.89
C GLU E 221 -1.27 52.37 -17.92
N ALA E 222 -1.85 52.42 -19.12
CA ALA E 222 -3.25 52.83 -19.27
C ALA E 222 -4.24 51.73 -18.93
N GLU E 223 -3.78 50.50 -18.69
CA GLU E 223 -4.66 49.37 -18.40
C GLU E 223 -4.79 49.10 -16.90
N ASP E 224 -4.26 49.96 -16.06
CA ASP E 224 -4.30 49.76 -14.61
C ASP E 224 -5.48 50.46 -13.94
N VAL E 225 -6.38 51.06 -14.71
CA VAL E 225 -7.53 51.74 -14.11
C VAL E 225 -8.52 50.71 -13.61
N GLY E 226 -8.91 50.84 -12.35
CA GLY E 226 -9.84 49.89 -11.76
C GLY E 226 -10.04 50.18 -10.28
N VAL E 227 -10.71 49.26 -9.61
CA VAL E 227 -11.01 49.36 -8.19
C VAL E 227 -10.31 48.22 -7.47
N TYR E 228 -9.53 48.54 -6.44
CA TYR E 228 -8.72 47.56 -5.74
C TYR E 228 -9.37 47.18 -4.41
N TYR E 229 -9.26 45.90 -4.05
CA TYR E 229 -9.86 45.42 -2.82
C TYR E 229 -8.90 44.48 -2.10
N CYS E 230 -8.79 44.66 -0.78
CA CYS E 230 -8.08 43.75 0.10
C CYS E 230 -9.09 42.96 0.92
N MET E 231 -8.97 41.63 0.87
CA MET E 231 -9.93 40.73 1.50
C MET E 231 -9.21 39.77 2.45
N GLN E 232 -9.82 39.49 3.59
CA GLN E 232 -9.23 38.64 4.61
C GLN E 232 -9.91 37.28 4.63
N HIS E 233 -9.12 36.25 4.96
CA HIS E 233 -9.60 34.87 4.99
C HIS E 233 -9.08 34.12 6.21
N LEU E 234 -8.74 34.84 7.27
CA LEU E 234 -8.19 34.20 8.47
C LEU E 234 -9.22 33.28 9.12
N GLU E 235 -10.42 33.82 9.38
CA GLU E 235 -11.50 33.05 9.99
C GLU E 235 -12.83 33.50 9.40
N TYR E 236 -13.81 32.62 9.46
CA TYR E 236 -15.14 32.93 8.98
C TYR E 236 -15.92 33.70 10.04
N PRO E 237 -16.81 34.63 9.61
CA PRO E 237 -17.10 35.00 8.22
C PRO E 237 -16.04 35.89 7.60
N LEU E 238 -16.01 35.94 6.26
CA LEU E 238 -15.03 36.74 5.55
C LEU E 238 -15.50 38.20 5.49
N THR E 239 -14.61 39.12 5.87
CA THR E 239 -14.91 40.53 5.89
C THR E 239 -14.10 41.25 4.83
N PHE E 240 -14.72 42.25 4.19
CA PHE E 240 -14.11 43.00 3.10
C PHE E 240 -13.79 44.42 3.56
N GLY E 241 -12.73 44.99 2.98
CA GLY E 241 -12.34 46.33 3.30
C GLY E 241 -13.13 47.38 2.55
N ALA E 242 -12.93 48.63 2.94
CA ALA E 242 -13.58 49.75 2.26
C ALA E 242 -13.09 49.85 0.83
N GLY E 243 -14.02 50.12 -0.09
CA GLY E 243 -13.70 50.21 -1.49
C GLY E 243 -12.69 51.31 -1.81
N THR E 244 -11.57 50.94 -2.44
CA THR E 244 -10.54 51.88 -2.82
C THR E 244 -10.58 52.02 -4.34
N LYS E 245 -11.02 53.18 -4.82
CA LYS E 245 -11.17 53.45 -6.24
C LYS E 245 -10.04 54.34 -6.73
N LEU E 246 -9.53 54.02 -7.92
CA LEU E 246 -8.50 54.81 -8.58
C LEU E 246 -9.13 55.49 -9.78
N GLU E 247 -9.06 56.81 -9.83
CA GLU E 247 -9.65 57.60 -10.90
C GLU E 247 -8.56 58.18 -11.78
N LEU E 248 -8.68 57.98 -13.09
CA LEU E 248 -7.69 58.48 -14.03
C LEU E 248 -7.80 59.99 -14.21
N THR F 32 -19.22 -24.41 57.54
CA THR F 32 -18.35 -25.23 56.69
C THR F 32 -18.95 -25.40 55.29
N LEU F 33 -18.15 -25.08 54.28
CA LEU F 33 -18.61 -25.20 52.90
C LEU F 33 -18.76 -26.68 52.52
N ARG F 34 -19.76 -26.95 51.69
CA ARG F 34 -20.02 -28.31 51.24
C ARG F 34 -19.00 -28.73 50.18
N VAL F 35 -18.93 -30.05 49.97
CA VAL F 35 -17.96 -30.59 49.01
C VAL F 35 -18.19 -30.07 47.60
N PRO F 36 -19.41 -30.00 47.06
CA PRO F 36 -19.58 -29.47 45.69
C PRO F 36 -19.03 -28.06 45.51
N ASP F 37 -19.07 -27.22 46.55
CA ASP F 37 -18.76 -25.81 46.37
C ASP F 37 -17.27 -25.55 46.14
N ILE F 38 -16.38 -26.28 46.80
CA ILE F 38 -14.96 -25.96 46.75
C ILE F 38 -14.38 -26.24 45.35
N LEU F 39 -14.73 -27.38 44.76
CA LEU F 39 -14.23 -27.71 43.43
C LEU F 39 -14.73 -26.71 42.40
N ALA F 40 -16.01 -26.34 42.50
CA ALA F 40 -16.55 -25.31 41.60
C ALA F 40 -15.83 -23.99 41.78
N LEU F 41 -15.57 -23.60 43.03
CA LEU F 41 -14.89 -22.33 43.31
C LEU F 41 -13.49 -22.32 42.69
N VAL F 42 -12.77 -23.43 42.82
CA VAL F 42 -11.45 -23.53 42.21
C VAL F 42 -11.55 -23.39 40.70
N ILE F 43 -12.54 -24.03 40.09
CA ILE F 43 -12.72 -23.91 38.65
C ILE F 43 -13.03 -22.47 38.26
N PHE F 44 -13.91 -21.79 39.00
CA PHE F 44 -14.17 -20.38 38.71
C PHE F 44 -12.90 -19.56 38.76
N ALA F 45 -12.08 -19.76 39.80
CA ALA F 45 -10.86 -18.95 39.92
C ALA F 45 -9.93 -19.17 38.73
N VAL F 46 -9.63 -20.45 38.42
CA VAL F 46 -8.67 -20.75 37.38
C VAL F 46 -9.18 -20.27 36.02
N VAL F 47 -10.45 -20.58 35.72
CA VAL F 47 -11.03 -20.19 34.44
C VAL F 47 -11.10 -18.68 34.32
N PHE F 48 -11.44 -17.98 35.41
CA PHE F 48 -11.47 -16.53 35.40
C PHE F 48 -10.11 -15.96 35.02
N LEU F 49 -9.05 -16.39 35.71
CA LEU F 49 -7.73 -15.84 35.43
C LEU F 49 -7.31 -16.11 33.99
N VAL F 50 -7.38 -17.37 33.57
CA VAL F 50 -6.90 -17.73 32.23
C VAL F 50 -7.75 -17.07 31.16
N GLY F 51 -9.06 -17.00 31.38
CA GLY F 51 -9.93 -16.36 30.40
C GLY F 51 -9.67 -14.88 30.27
N VAL F 52 -9.46 -14.18 31.39
CA VAL F 52 -9.14 -12.75 31.31
C VAL F 52 -7.87 -12.54 30.52
N LEU F 53 -6.83 -13.32 30.82
CA LEU F 53 -5.56 -13.15 30.10
C LEU F 53 -5.74 -13.41 28.60
N GLY F 54 -6.33 -14.56 28.26
CA GLY F 54 -6.47 -14.91 26.86
C GLY F 54 -7.38 -13.96 26.10
N ASN F 55 -8.48 -13.53 26.73
CA ASN F 55 -9.39 -12.61 26.08
C ASN F 55 -8.75 -11.25 25.85
N ALA F 56 -7.96 -10.76 26.81
CA ALA F 56 -7.25 -9.49 26.58
C ALA F 56 -6.31 -9.62 25.39
N LEU F 57 -5.55 -10.72 25.35
CA LEU F 57 -4.62 -10.91 24.23
C LEU F 57 -5.35 -10.97 22.89
N VAL F 58 -6.44 -11.74 22.83
CA VAL F 58 -7.17 -11.90 21.58
C VAL F 58 -7.83 -10.60 21.17
N VAL F 59 -8.39 -9.85 22.12
CA VAL F 59 -8.99 -8.56 21.81
C VAL F 59 -7.98 -7.64 21.18
N TRP F 60 -6.78 -7.53 21.77
CA TRP F 60 -5.77 -6.65 21.20
C TRP F 60 -5.37 -7.12 19.80
N VAL F 61 -5.12 -8.42 19.64
CA VAL F 61 -4.64 -8.95 18.37
C VAL F 61 -5.66 -8.71 17.26
N THR F 62 -6.93 -9.01 17.53
CA THR F 62 -7.95 -8.88 16.51
C THR F 62 -8.33 -7.41 16.27
N ALA F 63 -8.17 -6.54 17.28
CA ALA F 63 -8.42 -5.13 17.06
C ALA F 63 -7.29 -4.46 16.28
N PHE F 64 -6.10 -5.07 16.27
CA PHE F 64 -5.03 -4.52 15.45
C PHE F 64 -5.38 -4.58 13.96
N GLU F 65 -5.96 -5.68 13.49
CA GLU F 65 -6.19 -5.92 12.07
C GLU F 65 -7.67 -6.04 11.73
N ALA F 66 -8.52 -5.24 12.36
CA ALA F 66 -9.95 -5.29 12.07
C ALA F 66 -10.31 -4.60 10.77
N LYS F 67 -9.49 -3.66 10.30
CA LYS F 67 -9.86 -2.85 9.14
C LYS F 67 -9.76 -3.63 7.83
N ARG F 68 -8.70 -4.42 7.65
CA ARG F 68 -8.40 -5.00 6.36
C ARG F 68 -8.85 -6.45 6.20
N THR F 69 -9.07 -7.18 7.30
CA THR F 69 -9.38 -8.60 7.24
C THR F 69 -10.83 -8.83 7.66
N ILE F 70 -11.57 -9.55 6.82
CA ILE F 70 -12.95 -9.90 7.14
C ILE F 70 -13.02 -10.94 8.24
N ASN F 71 -12.02 -11.83 8.32
CA ASN F 71 -12.05 -12.90 9.31
C ASN F 71 -11.83 -12.35 10.73
N ALA F 72 -11.06 -11.28 10.87
CA ALA F 72 -10.75 -10.76 12.20
C ALA F 72 -11.98 -10.20 12.91
N ILE F 73 -12.86 -9.52 12.17
CA ILE F 73 -14.01 -8.89 12.80
C ILE F 73 -15.02 -9.91 13.31
N TRP F 74 -15.01 -11.13 12.77
CA TRP F 74 -15.87 -12.19 13.29
C TRP F 74 -15.49 -12.54 14.73
N PHE F 75 -14.21 -12.81 14.98
CA PHE F 75 -13.78 -13.19 16.31
C PHE F 75 -13.51 -11.99 17.22
N LEU F 76 -13.48 -10.77 16.67
CA LEU F 76 -13.42 -9.60 17.54
C LEU F 76 -14.61 -9.54 18.47
N ASN F 77 -15.81 -9.76 17.93
CA ASN F 77 -17.01 -9.77 18.76
C ASN F 77 -16.98 -10.93 19.76
N LEU F 78 -16.46 -12.09 19.32
CA LEU F 78 -16.31 -13.22 20.24
C LEU F 78 -15.46 -12.85 21.44
N ALA F 79 -14.27 -12.28 21.17
CA ALA F 79 -13.37 -11.91 22.25
C ALA F 79 -13.98 -10.85 23.15
N VAL F 80 -14.63 -9.85 22.56
CA VAL F 80 -15.23 -8.78 23.36
C VAL F 80 -16.32 -9.34 24.26
N ALA F 81 -17.22 -10.15 23.71
CA ALA F 81 -18.32 -10.70 24.50
C ALA F 81 -17.81 -11.62 25.60
N ASP F 82 -16.84 -12.48 25.28
CA ASP F 82 -16.33 -13.39 26.30
C ASP F 82 -15.57 -12.65 27.39
N PHE F 83 -14.81 -11.62 27.03
CA PHE F 83 -14.12 -10.81 28.04
C PHE F 83 -15.12 -10.09 28.94
N LEU F 84 -16.17 -9.52 28.36
CA LEU F 84 -17.17 -8.83 29.17
C LEU F 84 -17.90 -9.81 30.08
N SER F 85 -18.16 -11.03 29.61
CA SER F 85 -18.76 -12.04 30.47
C SER F 85 -17.83 -12.44 31.60
N CYS F 86 -16.54 -12.59 31.30
CA CYS F 86 -15.58 -13.08 32.29
C CYS F 86 -15.18 -12.02 33.31
N LEU F 87 -15.33 -10.73 32.97
CA LEU F 87 -14.89 -9.68 33.89
C LEU F 87 -15.67 -9.70 35.20
N ALA F 88 -16.95 -10.06 35.15
CA ALA F 88 -17.83 -9.94 36.30
C ALA F 88 -17.86 -11.19 37.18
N LEU F 89 -17.04 -12.19 36.88
CA LEU F 89 -17.04 -13.41 37.69
C LEU F 89 -16.69 -13.19 39.16
N PRO F 90 -15.74 -12.31 39.54
CA PRO F 90 -15.45 -12.13 40.97
C PRO F 90 -16.66 -11.78 41.82
N ILE F 91 -17.71 -11.18 41.24
CA ILE F 91 -18.95 -10.99 41.98
C ILE F 91 -19.53 -12.33 42.38
N LEU F 92 -19.58 -13.28 41.44
CA LEU F 92 -20.04 -14.63 41.77
C LEU F 92 -19.10 -15.30 42.76
N PHE F 93 -17.79 -15.07 42.61
CA PHE F 93 -16.82 -15.64 43.55
C PHE F 93 -17.11 -15.17 44.97
N THR F 94 -17.34 -13.87 45.15
CA THR F 94 -17.65 -13.34 46.47
C THR F 94 -18.99 -13.85 46.98
N SER F 95 -19.99 -13.94 46.09
CA SER F 95 -21.30 -14.44 46.51
C SER F 95 -21.25 -15.91 46.89
N ILE F 96 -20.29 -16.66 46.37
CA ILE F 96 -20.20 -18.09 46.67
C ILE F 96 -19.33 -18.34 47.91
N VAL F 97 -18.23 -17.60 48.08
CA VAL F 97 -17.33 -17.88 49.20
C VAL F 97 -18.04 -17.66 50.54
N GLN F 98 -18.89 -16.64 50.62
CA GLN F 98 -19.72 -16.40 51.79
C GLN F 98 -21.15 -16.82 51.48
N HIS F 99 -21.94 -17.06 52.53
CA HIS F 99 -23.29 -17.57 52.34
C HIS F 99 -24.18 -16.51 51.71
N HIS F 100 -24.37 -16.61 50.39
CA HIS F 100 -25.13 -15.66 49.58
C HIS F 100 -24.88 -14.22 50.01
N HIS F 101 -23.61 -13.81 49.94
CA HIS F 101 -23.23 -12.45 50.28
C HIS F 101 -23.65 -11.52 49.16
N TRP F 102 -24.63 -10.66 49.42
CA TRP F 102 -25.20 -9.76 48.42
C TRP F 102 -25.21 -8.34 48.95
N PRO F 103 -24.04 -7.68 48.99
CA PRO F 103 -23.96 -6.29 49.46
C PRO F 103 -24.15 -5.27 48.34
N PHE F 104 -25.26 -5.40 47.60
CA PHE F 104 -25.52 -4.55 46.45
C PHE F 104 -26.93 -3.96 46.42
N GLY F 105 -27.85 -4.44 47.26
CA GLY F 105 -29.20 -3.93 47.28
C GLY F 105 -30.08 -4.57 46.22
N GLY F 106 -31.35 -4.19 46.26
CA GLY F 106 -32.32 -4.73 45.32
C GLY F 106 -32.20 -4.18 43.91
N ALA F 107 -31.55 -3.02 43.76
CA ALA F 107 -31.40 -2.44 42.43
C ALA F 107 -30.49 -3.29 41.54
N ALA F 108 -29.40 -3.82 42.11
CA ALA F 108 -28.45 -4.60 41.31
C ALA F 108 -29.01 -5.97 40.96
N CYS F 109 -29.89 -6.53 41.80
CA CYS F 109 -30.48 -7.82 41.52
C CYS F 109 -31.29 -7.83 40.23
N SER F 110 -31.79 -6.66 39.81
CA SER F 110 -32.65 -6.61 38.63
C SER F 110 -31.85 -6.78 37.33
N ILE F 111 -30.69 -6.13 37.23
CA ILE F 111 -30.04 -5.98 35.95
C ILE F 111 -28.65 -6.62 35.90
N LEU F 112 -27.95 -6.65 37.04
CA LEU F 112 -26.54 -7.02 37.03
C LEU F 112 -26.29 -8.46 36.55
N PRO F 113 -27.02 -9.46 37.06
CA PRO F 113 -26.84 -10.82 36.48
C PRO F 113 -27.12 -10.88 34.99
N SER F 114 -28.09 -10.09 34.53
CA SER F 114 -28.52 -10.17 33.14
C SER F 114 -27.40 -9.83 32.16
N LEU F 115 -26.42 -9.04 32.60
CA LEU F 115 -25.31 -8.69 31.72
C LEU F 115 -24.54 -9.93 31.30
N ILE F 116 -24.10 -10.73 32.27
CA ILE F 116 -23.36 -11.95 31.94
C ILE F 116 -24.29 -12.99 31.32
N LEU F 117 -25.56 -13.03 31.77
CA LEU F 117 -26.50 -13.97 31.19
C LEU F 117 -26.71 -13.69 29.70
N LEU F 118 -26.70 -12.43 29.30
CA LEU F 118 -26.79 -12.06 27.89
C LEU F 118 -25.48 -12.32 27.17
N ASN F 119 -24.35 -12.03 27.82
CA ASN F 119 -23.05 -12.18 27.17
C ASN F 119 -22.76 -13.62 26.79
N MET F 120 -23.08 -14.57 27.68
CA MET F 120 -22.82 -15.97 27.39
C MET F 120 -23.62 -16.44 26.18
N TYR F 121 -24.92 -16.13 26.15
CA TYR F 121 -25.76 -16.53 25.02
C TYR F 121 -25.34 -15.82 23.74
N ALA F 122 -24.86 -14.57 23.84
CA ALA F 122 -24.35 -13.88 22.68
C ALA F 122 -23.11 -14.58 22.13
N SER F 123 -22.23 -15.05 23.02
CA SER F 123 -21.06 -15.80 22.57
C SER F 123 -21.47 -17.09 21.87
N ILE F 124 -22.49 -17.78 22.41
CA ILE F 124 -22.99 -19.00 21.76
C ILE F 124 -23.51 -18.69 20.36
N LEU F 125 -24.32 -17.63 20.23
CA LEU F 125 -24.85 -17.27 18.93
C LEU F 125 -23.75 -16.86 17.97
N LEU F 126 -22.70 -16.21 18.48
CA LEU F 126 -21.57 -15.82 17.64
C LEU F 126 -20.82 -17.04 17.12
N LEU F 127 -20.62 -18.05 17.98
CA LEU F 127 -20.03 -19.30 17.50
C LEU F 127 -20.90 -19.93 16.42
N ALA F 128 -22.22 -19.91 16.62
CA ALA F 128 -23.13 -20.46 15.62
C ALA F 128 -23.01 -19.73 14.29
N THR F 129 -22.93 -18.39 14.32
CA THR F 129 -22.86 -17.66 13.07
C THR F 129 -21.50 -17.82 12.39
N ILE F 130 -20.43 -18.01 13.15
CA ILE F 130 -19.15 -18.36 12.53
C ILE F 130 -19.25 -19.70 11.82
N SER F 131 -19.86 -20.69 12.49
CA SER F 131 -20.02 -21.99 11.85
C SER F 131 -20.89 -21.91 10.61
N ALA F 132 -21.89 -21.01 10.61
CA ALA F 132 -22.72 -20.82 9.42
C ALA F 132 -21.98 -20.07 8.32
N ASP F 133 -21.01 -19.22 8.67
CA ASP F 133 -20.21 -18.53 7.67
C ASP F 133 -19.23 -19.48 7.00
N ARG F 134 -18.66 -20.42 7.76
CA ARG F 134 -17.70 -21.35 7.17
C ARG F 134 -18.34 -22.19 6.08
N PHE F 135 -19.58 -22.67 6.30
CA PHE F 135 -20.27 -23.46 5.28
C PHE F 135 -20.50 -22.64 4.02
N LEU F 136 -20.91 -21.37 4.17
CA LEU F 136 -21.10 -20.53 3.00
C LEU F 136 -19.79 -20.24 2.30
N LEU F 137 -18.68 -20.24 3.04
CA LEU F 137 -17.37 -20.09 2.40
C LEU F 137 -17.02 -21.33 1.58
N VAL F 138 -17.27 -22.51 2.12
CA VAL F 138 -16.89 -23.74 1.42
C VAL F 138 -17.75 -23.94 0.18
N PHE F 139 -19.06 -23.82 0.32
CA PHE F 139 -19.98 -24.05 -0.79
C PHE F 139 -20.26 -22.75 -1.54
N LYS F 140 -20.50 -22.89 -2.85
CA LYS F 140 -20.80 -21.75 -3.72
C LYS F 140 -19.67 -20.73 -3.66
N PRO F 141 -18.50 -21.04 -4.21
CA PRO F 141 -17.35 -20.13 -4.09
C PRO F 141 -17.31 -19.00 -5.11
N ILE F 142 -18.32 -18.87 -5.96
CA ILE F 142 -18.37 -17.76 -6.90
C ILE F 142 -19.14 -16.58 -6.32
N TRP F 143 -20.23 -16.82 -5.60
CA TRP F 143 -20.98 -15.74 -4.98
C TRP F 143 -20.18 -15.05 -3.89
N CYS F 144 -19.35 -15.81 -3.16
CA CYS F 144 -18.52 -15.25 -2.10
C CYS F 144 -17.31 -14.50 -2.62
N GLN F 145 -17.18 -14.34 -3.94
CA GLN F 145 -16.12 -13.53 -4.53
C GLN F 145 -16.63 -12.17 -5.00
N ASN F 146 -17.75 -12.15 -5.73
CA ASN F 146 -18.28 -10.91 -6.26
C ASN F 146 -18.95 -10.05 -5.18
N PHE F 147 -19.71 -10.67 -4.28
CA PHE F 147 -20.57 -9.94 -3.36
C PHE F 147 -20.27 -10.25 -1.90
N ARG F 148 -19.00 -10.41 -1.55
CA ARG F 148 -18.59 -10.63 -0.17
C ARG F 148 -17.92 -9.36 0.34
N GLY F 149 -18.63 -8.60 1.17
CA GLY F 149 -18.11 -7.40 1.77
C GLY F 149 -18.16 -7.46 3.29
N ALA F 150 -17.55 -6.46 3.92
CA ALA F 150 -17.57 -6.37 5.38
C ALA F 150 -18.93 -5.94 5.92
N GLY F 151 -19.75 -5.28 5.10
CA GLY F 151 -21.05 -4.85 5.57
C GLY F 151 -21.96 -6.01 5.93
N LEU F 152 -21.94 -7.07 5.12
CA LEU F 152 -22.76 -8.24 5.42
C LEU F 152 -22.31 -8.90 6.72
N ALA F 153 -21.00 -9.00 6.93
CA ALA F 153 -20.49 -9.57 8.18
C ALA F 153 -20.88 -8.72 9.37
N TRP F 154 -20.79 -7.39 9.24
CA TRP F 154 -21.18 -6.50 10.32
C TRP F 154 -22.66 -6.64 10.65
N ILE F 155 -23.50 -6.73 9.60
CA ILE F 155 -24.94 -6.89 9.81
C ILE F 155 -25.23 -8.22 10.51
N ALA F 156 -24.56 -9.29 10.09
CA ALA F 156 -24.76 -10.59 10.71
C ALA F 156 -24.35 -10.56 12.18
N CYS F 157 -23.21 -9.94 12.48
CA CYS F 157 -22.77 -9.83 13.87
C CYS F 157 -23.74 -9.02 14.70
N ALA F 158 -24.27 -7.93 14.13
CA ALA F 158 -25.24 -7.11 14.84
C ALA F 158 -26.52 -7.89 15.14
N VAL F 159 -26.99 -8.67 14.16
CA VAL F 159 -28.18 -9.49 14.37
C VAL F 159 -27.93 -10.54 15.45
N ALA F 160 -26.76 -11.18 15.41
CA ALA F 160 -26.42 -12.18 16.42
C ALA F 160 -26.38 -11.56 17.81
N TRP F 161 -25.81 -10.36 17.92
CA TRP F 161 -25.80 -9.65 19.20
C TRP F 161 -27.23 -9.32 19.65
N GLY F 162 -28.07 -8.87 18.72
CA GLY F 162 -29.42 -8.48 19.08
C GLY F 162 -30.29 -9.63 19.52
N LEU F 163 -30.09 -10.82 18.95
CA LEU F 163 -30.94 -11.96 19.29
C LEU F 163 -30.87 -12.34 20.77
N ALA F 164 -29.78 -11.99 21.46
CA ALA F 164 -29.69 -12.31 22.88
C ALA F 164 -30.61 -11.44 23.72
N LEU F 165 -30.93 -10.23 23.24
CA LEU F 165 -31.79 -9.34 24.00
C LEU F 165 -33.19 -9.94 24.19
N LEU F 166 -33.69 -10.64 23.17
CA LEU F 166 -35.00 -11.25 23.27
C LEU F 166 -35.06 -12.28 24.40
N LEU F 167 -34.00 -13.09 24.53
CA LEU F 167 -33.95 -14.07 25.61
C LEU F 167 -33.72 -13.39 26.96
N THR F 168 -32.96 -12.29 26.97
CA THR F 168 -32.63 -11.64 28.23
C THR F 168 -33.81 -10.85 28.80
N ILE F 169 -34.71 -10.36 27.94
CA ILE F 169 -35.81 -9.51 28.41
C ILE F 169 -36.67 -10.19 29.49
N PRO F 170 -37.09 -11.45 29.34
CA PRO F 170 -37.84 -12.08 30.43
C PRO F 170 -37.09 -12.14 31.74
N SER F 171 -35.76 -12.24 31.70
CA SER F 171 -34.97 -12.14 32.92
C SER F 171 -35.12 -10.76 33.56
N PHE F 172 -35.12 -9.70 32.74
CA PHE F 172 -35.34 -8.36 33.25
C PHE F 172 -36.70 -8.23 33.91
N LEU F 173 -37.73 -8.76 33.26
CA LEU F 173 -39.09 -8.51 33.75
C LEU F 173 -39.43 -9.28 35.02
N TYR F 174 -38.74 -10.38 35.30
CA TYR F 174 -39.16 -11.32 36.34
C TYR F 174 -38.09 -11.54 37.40
N ARG F 175 -37.52 -10.48 37.95
CA ARG F 175 -36.59 -10.60 39.08
C ARG F 175 -37.02 -9.70 40.22
N VAL F 176 -37.07 -10.26 41.43
CA VAL F 176 -37.46 -9.55 42.64
C VAL F 176 -36.48 -9.93 43.75
N VAL F 177 -36.64 -9.27 44.90
CA VAL F 177 -35.75 -9.45 46.04
C VAL F 177 -36.58 -9.79 47.28
N ARG F 178 -36.00 -10.71 48.07
CA ARG F 178 -36.66 -11.19 49.31
C ARG F 178 -35.77 -10.89 50.51
N GLU F 179 -36.38 -10.46 51.62
CA GLU F 179 -35.69 -10.16 52.87
C GLU F 179 -36.10 -11.17 53.93
N GLU F 180 -35.14 -11.57 54.77
CA GLU F 180 -35.39 -12.54 55.83
C GLU F 180 -35.25 -11.84 57.18
N TYR F 181 -36.37 -11.65 57.87
CA TYR F 181 -36.38 -11.05 59.20
C TYR F 181 -35.98 -12.03 60.29
N PHE F 182 -35.72 -13.28 59.93
CA PHE F 182 -34.97 -14.25 60.72
C PHE F 182 -33.52 -13.78 60.73
N PRO F 183 -32.57 -14.49 61.35
CA PRO F 183 -31.16 -14.09 61.26
C PRO F 183 -30.82 -13.56 59.87
N PRO F 184 -30.28 -12.33 59.81
CA PRO F 184 -30.42 -11.50 58.60
C PRO F 184 -29.88 -12.14 57.34
N LYS F 185 -30.77 -12.30 56.34
CA LYS F 185 -30.40 -12.76 55.02
C LYS F 185 -31.19 -12.01 53.97
N VAL F 186 -30.63 -11.98 52.76
CA VAL F 186 -31.28 -11.41 51.59
C VAL F 186 -31.14 -12.44 50.47
N LEU F 187 -32.11 -12.46 49.56
CA LEU F 187 -32.09 -13.47 48.51
C LEU F 187 -32.59 -12.90 47.19
N CYS F 188 -31.73 -12.95 46.17
CA CYS F 188 -32.06 -12.51 44.82
C CYS F 188 -32.46 -13.73 43.98
N GLY F 189 -33.62 -13.64 43.33
CA GLY F 189 -34.11 -14.76 42.55
C GLY F 189 -35.45 -14.53 41.87
N VAL F 190 -35.58 -15.12 40.68
CA VAL F 190 -36.81 -14.93 39.89
C VAL F 190 -37.97 -15.52 40.69
N ASP F 191 -39.20 -15.12 40.36
CA ASP F 191 -40.38 -15.62 41.10
C ASP F 191 -41.62 -15.40 40.23
N TYR F 192 -41.84 -16.29 39.26
CA TYR F 192 -43.07 -16.22 38.43
C TYR F 192 -44.24 -16.56 39.33
N SER F 193 -44.35 -15.90 40.49
CA SER F 193 -45.42 -16.15 41.49
C SER F 193 -46.37 -17.25 41.00
N HIS F 194 -47.29 -16.92 40.09
CA HIS F 194 -48.29 -17.91 39.62
C HIS F 194 -48.33 -17.92 38.09
N ASP F 195 -47.30 -17.36 37.44
CA ASP F 195 -47.22 -17.34 35.95
C ASP F 195 -46.66 -18.67 35.47
N LYS F 196 -47.01 -19.77 36.15
CA LYS F 196 -46.44 -21.09 35.80
C LYS F 196 -46.31 -21.21 34.27
N ARG F 197 -47.39 -20.89 33.54
CA ARG F 197 -47.34 -21.09 32.10
C ARG F 197 -46.26 -20.23 31.45
N ARG F 198 -46.10 -18.99 31.93
CA ARG F 198 -45.05 -18.13 31.40
C ARG F 198 -43.67 -18.73 31.64
N GLU F 199 -43.43 -19.25 32.84
CA GLU F 199 -42.13 -19.87 33.12
C GLU F 199 -41.90 -21.09 32.23
N ARG F 200 -42.92 -21.93 32.07
CA ARG F 200 -42.77 -23.09 31.21
C ARG F 200 -42.44 -22.67 29.78
N ALA F 201 -43.16 -21.67 29.26
CA ALA F 201 -42.95 -21.23 27.89
C ALA F 201 -41.56 -20.65 27.69
N VAL F 202 -41.12 -19.80 28.63
CA VAL F 202 -39.81 -19.17 28.46
C VAL F 202 -38.70 -20.21 28.59
N ALA F 203 -38.86 -21.16 29.51
CA ALA F 203 -37.86 -22.22 29.64
C ALA F 203 -37.78 -23.06 28.37
N ILE F 204 -38.94 -23.42 27.80
CA ILE F 204 -38.94 -24.17 26.55
C ILE F 204 -38.23 -23.38 25.45
N VAL F 205 -38.58 -22.11 25.30
CA VAL F 205 -38.00 -21.31 24.23
C VAL F 205 -36.49 -21.21 24.40
N ARG F 206 -36.00 -20.86 25.58
CA ARG F 206 -34.53 -20.65 25.74
C ARG F 206 -33.77 -21.97 25.61
N LEU F 207 -34.29 -23.07 26.16
CA LEU F 207 -33.59 -24.33 25.99
C LEU F 207 -33.55 -24.74 24.52
N VAL F 208 -34.73 -24.83 23.90
CA VAL F 208 -34.83 -25.30 22.51
C VAL F 208 -33.94 -24.46 21.61
N LEU F 209 -34.17 -23.14 21.56
CA LEU F 209 -33.37 -22.30 20.69
C LEU F 209 -31.89 -22.44 21.04
N GLY F 210 -31.50 -21.97 22.23
CA GLY F 210 -30.10 -21.76 22.53
C GLY F 210 -29.26 -23.02 22.51
N PHE F 211 -29.85 -24.22 22.61
CA PHE F 211 -28.98 -25.42 22.51
C PHE F 211 -29.27 -26.21 21.24
N LEU F 212 -30.53 -26.45 20.90
CA LEU F 212 -30.75 -27.27 19.71
C LEU F 212 -30.28 -26.54 18.45
N TRP F 213 -30.64 -25.26 18.29
CA TRP F 213 -30.34 -24.60 17.02
C TRP F 213 -28.83 -24.49 16.76
N PRO F 214 -28.01 -23.97 17.69
CA PRO F 214 -26.56 -23.98 17.40
C PRO F 214 -25.98 -25.37 17.22
N LEU F 215 -26.39 -26.34 18.04
CA LEU F 215 -25.80 -27.67 17.94
C LEU F 215 -26.07 -28.29 16.58
N LEU F 216 -27.34 -28.23 16.13
CA LEU F 216 -27.69 -28.75 14.82
C LEU F 216 -26.99 -27.97 13.72
N THR F 217 -26.95 -26.65 13.82
CA THR F 217 -26.30 -25.84 12.78
C THR F 217 -24.83 -26.21 12.62
N LEU F 218 -24.09 -26.22 13.73
CA LEU F 218 -22.68 -26.58 13.66
C LEU F 218 -22.49 -28.01 13.14
N THR F 219 -23.24 -28.98 13.67
CA THR F 219 -22.97 -30.36 13.24
C THR F 219 -23.28 -30.56 11.76
N ILE F 220 -24.39 -30.01 11.27
CA ILE F 220 -24.75 -30.20 9.87
C ILE F 220 -23.76 -29.47 8.96
N CYS F 221 -23.46 -28.21 9.28
CA CYS F 221 -22.56 -27.43 8.44
C CYS F 221 -21.18 -28.08 8.41
N TYR F 222 -20.66 -28.52 9.56
CA TYR F 222 -19.34 -29.13 9.59
C TYR F 222 -19.32 -30.47 8.87
N THR F 223 -20.39 -31.26 9.00
CA THR F 223 -20.45 -32.52 8.28
C THR F 223 -20.42 -32.30 6.77
N PHE F 224 -21.20 -31.34 6.27
CA PHE F 224 -21.19 -31.06 4.84
C PHE F 224 -19.84 -30.49 4.40
N ILE F 225 -19.23 -29.63 5.22
CA ILE F 225 -17.92 -29.08 4.88
C ILE F 225 -16.89 -30.20 4.75
N LEU F 226 -16.87 -31.13 5.71
CA LEU F 226 -15.92 -32.23 5.63
C LEU F 226 -16.19 -33.13 4.43
N LEU F 227 -17.46 -33.47 4.18
CA LEU F 227 -17.80 -34.36 3.09
C LEU F 227 -17.55 -33.75 1.72
N ARG F 228 -17.54 -32.42 1.61
CA ARG F 228 -17.19 -31.78 0.35
C ARG F 228 -15.70 -31.48 0.23
N THR F 229 -15.02 -31.25 1.35
CA THR F 229 -13.58 -30.98 1.30
C THR F 229 -12.79 -32.25 1.05
N TRP F 230 -13.28 -33.40 1.51
CA TRP F 230 -12.60 -34.67 1.31
C TRP F 230 -13.05 -35.37 0.03
N SER F 231 -13.49 -34.61 -0.96
CA SER F 231 -13.89 -35.16 -2.26
C SER F 231 -13.00 -34.68 -3.39
N ARG F 232 -11.94 -33.94 -3.09
CA ARG F 232 -11.01 -33.44 -4.10
C ARG F 232 -9.62 -33.45 -3.51
N ARG F 233 -8.65 -34.01 -4.24
CA ARG F 233 -7.30 -34.14 -3.72
C ARG F 233 -6.62 -32.80 -3.51
N ALA F 234 -7.05 -31.76 -4.21
CA ALA F 234 -6.44 -30.44 -4.04
C ALA F 234 -6.72 -29.87 -2.66
N THR F 235 -7.95 -30.04 -2.16
CA THR F 235 -8.37 -29.44 -0.90
C THR F 235 -8.33 -30.42 0.27
N ARG F 236 -7.92 -31.67 0.05
CA ARG F 236 -7.91 -32.64 1.14
C ARG F 236 -6.78 -32.32 2.12
N SER F 237 -7.11 -32.31 3.40
CA SER F 237 -6.12 -32.04 4.44
C SER F 237 -6.59 -32.67 5.74
N THR F 238 -5.63 -32.85 6.66
CA THR F 238 -5.92 -33.46 7.95
C THR F 238 -6.31 -32.44 9.01
N LYS F 239 -5.85 -31.20 8.88
CA LYS F 239 -6.12 -30.18 9.90
C LYS F 239 -7.59 -29.82 9.99
N THR F 240 -8.37 -30.07 8.93
CA THR F 240 -9.79 -29.73 8.96
C THR F 240 -10.56 -30.57 9.99
N LEU F 241 -10.21 -31.86 10.12
CA LEU F 241 -10.90 -32.74 11.06
C LEU F 241 -10.59 -32.37 12.50
N LYS F 242 -9.31 -32.11 12.81
CA LYS F 242 -8.89 -31.93 14.20
C LYS F 242 -9.50 -30.69 14.83
N VAL F 243 -9.77 -29.66 14.03
CA VAL F 243 -10.40 -28.45 14.58
C VAL F 243 -11.90 -28.67 14.72
N VAL F 244 -12.54 -29.24 13.70
CA VAL F 244 -13.99 -29.37 13.70
C VAL F 244 -14.45 -30.29 14.83
N VAL F 245 -13.84 -31.48 14.94
CA VAL F 245 -14.29 -32.43 15.94
C VAL F 245 -14.00 -31.91 17.34
N ALA F 246 -12.85 -31.25 17.52
CA ALA F 246 -12.52 -30.68 18.83
C ALA F 246 -13.54 -29.63 19.23
N VAL F 247 -13.88 -28.72 18.31
CA VAL F 247 -14.82 -27.65 18.63
C VAL F 247 -16.19 -28.23 18.99
N VAL F 248 -16.71 -29.13 18.15
CA VAL F 248 -18.05 -29.64 18.38
C VAL F 248 -18.11 -30.47 19.67
N ALA F 249 -17.11 -31.32 19.90
CA ALA F 249 -17.11 -32.15 21.09
C ALA F 249 -16.97 -31.29 22.34
N SER F 250 -16.07 -30.30 22.32
CA SER F 250 -15.90 -29.43 23.48
C SER F 250 -17.20 -28.69 23.79
N PHE F 251 -17.83 -28.10 22.78
CA PHE F 251 -19.08 -27.38 23.00
C PHE F 251 -20.14 -28.29 23.60
N PHE F 252 -20.39 -29.43 22.97
CA PHE F 252 -21.47 -30.30 23.42
C PHE F 252 -21.21 -30.83 24.83
N ILE F 253 -20.02 -31.37 25.07
CA ILE F 253 -19.72 -31.95 26.37
C ILE F 253 -19.73 -30.90 27.46
N PHE F 254 -19.16 -29.72 27.19
CA PHE F 254 -19.02 -28.70 28.22
C PHE F 254 -20.29 -27.89 28.45
N TRP F 255 -21.30 -27.99 27.58
CA TRP F 255 -22.55 -27.30 27.85
C TRP F 255 -23.76 -28.21 28.06
N LEU F 256 -23.64 -29.53 27.91
CA LEU F 256 -24.78 -30.39 28.19
C LEU F 256 -25.23 -30.37 29.65
N PRO F 257 -24.35 -30.57 30.65
CA PRO F 257 -24.85 -30.70 32.03
C PRO F 257 -25.59 -29.48 32.54
N TYR F 258 -25.09 -28.27 32.24
CA TYR F 258 -25.72 -27.07 32.77
C TYR F 258 -27.15 -26.92 32.28
N GLN F 259 -27.36 -27.07 30.97
CA GLN F 259 -28.71 -26.98 30.43
C GLN F 259 -29.60 -28.10 30.93
N VAL F 260 -29.09 -29.34 30.97
CA VAL F 260 -29.97 -30.45 31.34
C VAL F 260 -30.41 -30.33 32.79
N THR F 261 -29.54 -29.84 33.67
CA THR F 261 -29.95 -29.66 35.06
C THR F 261 -30.80 -28.41 35.24
N GLY F 262 -30.48 -27.32 34.54
CA GLY F 262 -31.23 -26.09 34.69
C GLY F 262 -32.66 -26.21 34.21
N ILE F 263 -32.88 -26.92 33.11
CA ILE F 263 -34.24 -27.04 32.58
C ILE F 263 -35.10 -27.89 33.52
N MET F 264 -34.51 -28.95 34.09
CA MET F 264 -35.21 -29.76 35.08
C MET F 264 -35.53 -28.93 36.32
N MET F 265 -34.59 -28.09 36.76
CA MET F 265 -34.88 -27.18 37.88
C MET F 265 -36.00 -26.23 37.51
N SER F 266 -36.09 -25.84 36.23
CA SER F 266 -37.11 -24.92 35.79
C SER F 266 -38.50 -25.53 35.77
N PHE F 267 -38.65 -26.78 35.31
CA PHE F 267 -39.99 -27.37 35.33
C PHE F 267 -40.40 -27.91 36.71
N LEU F 268 -39.47 -28.41 37.49
CA LEU F 268 -39.83 -29.16 38.69
C LEU F 268 -40.03 -28.19 39.86
N GLU F 269 -41.11 -28.42 40.61
CA GLU F 269 -41.53 -27.48 41.64
C GLU F 269 -40.56 -27.46 42.80
N PRO F 270 -40.43 -26.30 43.48
CA PRO F 270 -39.49 -26.23 44.62
C PRO F 270 -39.83 -27.17 45.75
N SER F 271 -41.10 -27.50 45.94
CA SER F 271 -41.53 -28.34 47.06
C SER F 271 -41.23 -29.81 46.79
N SER F 272 -39.94 -30.12 46.67
CA SER F 272 -39.47 -31.48 46.45
C SER F 272 -37.98 -31.56 46.74
N PRO F 273 -37.51 -32.63 47.41
CA PRO F 273 -36.09 -32.73 47.74
C PRO F 273 -35.16 -32.73 46.53
N THR F 274 -35.59 -33.33 45.42
CA THR F 274 -34.76 -33.32 44.22
C THR F 274 -34.54 -31.91 43.69
N PHE F 275 -35.48 -30.99 43.95
CA PHE F 275 -35.24 -29.59 43.61
C PHE F 275 -34.07 -29.04 44.43
N LEU F 276 -34.02 -29.37 45.71
CA LEU F 276 -32.88 -28.95 46.53
C LEU F 276 -31.59 -29.59 46.02
N LEU F 277 -31.64 -30.85 45.60
CA LEU F 277 -30.45 -31.51 45.06
C LEU F 277 -29.95 -30.80 43.80
N LEU F 278 -30.89 -30.43 42.92
CA LEU F 278 -30.51 -29.66 41.73
C LEU F 278 -29.93 -28.31 42.12
N LYS F 279 -30.44 -27.72 43.21
CA LYS F 279 -29.89 -26.42 43.68
C LYS F 279 -28.46 -26.62 44.19
N LYS F 280 -28.16 -27.76 44.81
CA LYS F 280 -26.79 -28.05 45.20
C LYS F 280 -25.88 -28.23 43.98
N LEU F 281 -26.37 -28.94 42.97
CA LEU F 281 -25.55 -29.19 41.78
C LEU F 281 -25.48 -27.99 40.83
N ASP F 282 -26.27 -26.95 41.09
CA ASP F 282 -26.31 -25.79 40.20
C ASP F 282 -24.95 -25.11 40.08
N SER F 283 -24.23 -24.98 41.19
CA SER F 283 -22.93 -24.30 41.13
C SER F 283 -21.95 -25.07 40.26
N LEU F 284 -21.88 -26.39 40.43
CA LEU F 284 -21.01 -27.21 39.58
C LEU F 284 -21.43 -27.12 38.13
N CYS F 285 -22.74 -27.15 37.87
CA CYS F 285 -23.21 -27.10 36.48
C CYS F 285 -22.83 -25.77 35.83
N VAL F 286 -23.02 -24.66 36.53
CA VAL F 286 -22.74 -23.35 35.94
C VAL F 286 -21.24 -23.17 35.75
N SER F 287 -20.43 -23.69 36.69
CA SER F 287 -18.99 -23.63 36.51
C SER F 287 -18.55 -24.45 35.30
N PHE F 288 -19.12 -25.65 35.15
CA PHE F 288 -18.76 -26.51 34.04
C PHE F 288 -19.13 -25.87 32.70
N ALA F 289 -20.30 -25.22 32.64
CA ALA F 289 -20.65 -24.47 31.45
C ALA F 289 -19.70 -23.30 31.22
N TYR F 290 -19.24 -22.66 32.28
CA TYR F 290 -18.42 -21.44 32.06
C TYR F 290 -17.06 -21.86 31.50
N ILE F 291 -16.61 -23.05 31.91
CA ILE F 291 -15.30 -23.50 31.44
C ILE F 291 -15.10 -23.20 29.95
N ASN F 292 -16.17 -23.26 29.16
CA ASN F 292 -16.05 -23.06 27.72
C ASN F 292 -15.55 -21.66 27.38
N CYS F 293 -15.80 -20.69 28.27
CA CYS F 293 -15.29 -19.33 28.04
C CYS F 293 -13.77 -19.33 27.98
N CYS F 294 -13.12 -20.06 28.88
CA CYS F 294 -11.68 -20.23 28.83
C CYS F 294 -11.24 -21.16 27.71
N ILE F 295 -12.08 -22.13 27.35
CA ILE F 295 -11.73 -23.06 26.28
C ILE F 295 -11.68 -22.35 24.93
N ASN F 296 -12.54 -21.35 24.73
CA ASN F 296 -12.78 -20.81 23.39
C ASN F 296 -11.53 -20.25 22.70
N PRO F 297 -10.78 -19.31 23.26
CA PRO F 297 -9.71 -18.67 22.48
C PRO F 297 -8.43 -19.49 22.36
N ILE F 298 -8.26 -20.59 23.11
CA ILE F 298 -7.12 -21.46 22.92
C ILE F 298 -7.16 -22.06 21.51
N ILE F 299 -8.35 -22.39 21.01
CA ILE F 299 -8.47 -22.91 19.65
C ILE F 299 -8.00 -21.89 18.64
N TYR F 300 -8.41 -20.63 18.79
CA TYR F 300 -8.00 -19.60 17.86
C TYR F 300 -6.49 -19.36 17.92
N VAL F 301 -5.93 -19.32 19.14
CA VAL F 301 -4.51 -19.02 19.28
C VAL F 301 -3.66 -20.17 18.72
N VAL F 302 -3.98 -21.40 19.08
CA VAL F 302 -3.18 -22.55 18.64
C VAL F 302 -3.36 -22.81 17.16
N ALA F 303 -4.60 -22.80 16.68
CA ALA F 303 -4.91 -23.14 15.30
C ALA F 303 -5.00 -21.91 14.39
N GLY F 304 -4.25 -20.86 14.67
CA GLY F 304 -4.22 -19.67 13.85
C GLY F 304 -2.87 -19.54 13.16
N GLN F 305 -2.89 -19.02 11.94
CA GLN F 305 -1.68 -18.88 11.15
C GLN F 305 -0.91 -17.64 11.59
N GLY F 306 0.34 -17.83 12.00
CA GLY F 306 1.21 -16.74 12.36
C GLY F 306 0.71 -15.89 13.53
N PHE F 307 0.24 -16.54 14.59
CA PHE F 307 -0.21 -15.80 15.77
C PHE F 307 0.94 -15.03 16.41
N GLN F 308 2.12 -15.66 16.49
CA GLN F 308 3.27 -15.00 17.11
C GLN F 308 3.66 -13.77 16.31
N GLY F 309 3.77 -13.91 14.99
CA GLY F 309 4.12 -12.76 14.16
C GLY F 309 3.06 -11.67 14.20
N ARG F 310 1.79 -12.07 14.23
CA ARG F 310 0.71 -11.08 14.34
C ARG F 310 0.82 -10.32 15.66
N LEU F 311 1.16 -11.02 16.75
CA LEU F 311 1.33 -10.35 18.03
C LEU F 311 2.52 -9.39 18.00
N ARG F 312 3.61 -9.79 17.35
CA ARG F 312 4.75 -8.89 17.21
C ARG F 312 4.41 -7.67 16.37
N LYS F 313 3.54 -7.84 15.37
CA LYS F 313 3.15 -6.72 14.53
C LYS F 313 2.42 -5.64 15.35
N SER F 314 1.53 -6.06 16.24
CA SER F 314 0.80 -5.12 17.08
C SER F 314 1.67 -4.61 18.22
#